data_1DFE
# 
_entry.id   1DFE 
# 
_audit_conform.dict_name       mmcif_pdbx.dic 
_audit_conform.dict_version    5.392 
_audit_conform.dict_location   http://mmcif.pdb.org/dictionaries/ascii/mmcif_pdbx.dic 
# 
loop_
_database_2.database_id 
_database_2.database_code 
_database_2.pdbx_database_accession 
_database_2.pdbx_DOI 
PDB   1DFE         pdb_00001dfe 10.2210/pdb1dfe/pdb 
RCSB  RCSB010039   ?            ?                   
WWPDB D_1000010039 ?            ?                   
# 
loop_
_pdbx_audit_revision_history.ordinal 
_pdbx_audit_revision_history.data_content_type 
_pdbx_audit_revision_history.major_revision 
_pdbx_audit_revision_history.minor_revision 
_pdbx_audit_revision_history.revision_date 
1 'Structure model' 1 0 1999-12-01 
2 'Structure model' 1 1 2008-04-27 
3 'Structure model' 1 2 2011-07-13 
4 'Structure model' 1 3 2022-02-16 
5 'Structure model' 1 4 2024-05-22 
# 
_pdbx_audit_revision_details.ordinal             1 
_pdbx_audit_revision_details.revision_ordinal    1 
_pdbx_audit_revision_details.data_content_type   'Structure model' 
_pdbx_audit_revision_details.provider            repository 
_pdbx_audit_revision_details.type                'Initial release' 
_pdbx_audit_revision_details.description         ? 
_pdbx_audit_revision_details.details             ? 
# 
loop_
_pdbx_audit_revision_group.ordinal 
_pdbx_audit_revision_group.revision_ordinal 
_pdbx_audit_revision_group.data_content_type 
_pdbx_audit_revision_group.group 
1 2 'Structure model' 'Version format compliance' 
2 3 'Structure model' 'Version format compliance' 
3 4 'Structure model' 'Database references'       
4 4 'Structure model' 'Derived calculations'      
5 5 'Structure model' 'Data collection'           
# 
loop_
_pdbx_audit_revision_category.ordinal 
_pdbx_audit_revision_category.revision_ordinal 
_pdbx_audit_revision_category.data_content_type 
_pdbx_audit_revision_category.category 
1 4 'Structure model' database_2            
2 4 'Structure model' pdbx_struct_assembly  
3 4 'Structure model' pdbx_struct_oper_list 
4 4 'Structure model' struct_conn           
5 4 'Structure model' struct_site           
6 5 'Structure model' chem_comp_atom        
7 5 'Structure model' chem_comp_bond        
# 
loop_
_pdbx_audit_revision_item.ordinal 
_pdbx_audit_revision_item.revision_ordinal 
_pdbx_audit_revision_item.data_content_type 
_pdbx_audit_revision_item.item 
1  4 'Structure model' '_database_2.pdbx_DOI'                
2  4 'Structure model' '_database_2.pdbx_database_accession' 
3  4 'Structure model' '_struct_conn.ptnr1_auth_comp_id'     
4  4 'Structure model' '_struct_conn.ptnr1_auth_seq_id'      
5  4 'Structure model' '_struct_conn.ptnr1_label_asym_id'    
6  4 'Structure model' '_struct_conn.ptnr1_label_atom_id'    
7  4 'Structure model' '_struct_conn.ptnr1_label_comp_id'    
8  4 'Structure model' '_struct_conn.ptnr1_label_seq_id'     
9  4 'Structure model' '_struct_conn.ptnr2_auth_comp_id'     
10 4 'Structure model' '_struct_conn.ptnr2_auth_seq_id'      
11 4 'Structure model' '_struct_conn.ptnr2_label_asym_id'    
12 4 'Structure model' '_struct_conn.ptnr2_label_atom_id'    
13 4 'Structure model' '_struct_conn.ptnr2_label_comp_id'    
14 4 'Structure model' '_struct_conn.ptnr2_label_seq_id'     
15 4 'Structure model' '_struct_site.pdbx_auth_asym_id'      
16 4 'Structure model' '_struct_site.pdbx_auth_comp_id'      
17 4 'Structure model' '_struct_site.pdbx_auth_seq_id'       
# 
_pdbx_database_status.status_code                     REL 
_pdbx_database_status.entry_id                        1DFE 
_pdbx_database_status.recvd_initial_deposition_date   1999-11-19 
_pdbx_database_status.deposit_site                    RCSB 
_pdbx_database_status.process_site                    RCSB 
_pdbx_database_status.SG_entry                        . 
_pdbx_database_status.pdb_format_compatible           Y 
_pdbx_database_status.status_code_mr                  ? 
_pdbx_database_status.status_code_sf                  ? 
_pdbx_database_status.status_code_cs                  ? 
_pdbx_database_status.status_code_nmr_data            ? 
_pdbx_database_status.methods_development_category    ? 
# 
_pdbx_database_related.db_name        PDB 
_pdbx_database_related.db_id          1DGZ 
_pdbx_database_related.details        'ENSEMBLE OF STRUCTURES' 
_pdbx_database_related.content_type   unspecified 
# 
loop_
_audit_author.name 
_audit_author.pdbx_ordinal 
'Hard, T.'   1 
'Rak, A.'    2 
'Allard, P.' 3 
'Kloo, L.'   4 
'Garber, M.' 5 
# 
_citation.id                        primary 
_citation.title                     
'The solution structure of ribosomal protein L36 from Thermus thermophilus reveals a zinc-ribbon-like fold.' 
_citation.journal_abbrev            J.Mol.Biol. 
_citation.journal_volume            296 
_citation.page_first                169 
_citation.page_last                 180 
_citation.year                      2000 
_citation.journal_id_ASTM           JMOBAK 
_citation.country                   UK 
_citation.journal_id_ISSN           0022-2836 
_citation.journal_id_CSD            0070 
_citation.book_publisher            ? 
_citation.pdbx_database_id_PubMed   10656825 
_citation.pdbx_database_id_DOI      10.1006/jmbi.1999.3433 
# 
loop_
_citation_author.citation_id 
_citation_author.name 
_citation_author.ordinal 
_citation_author.identifier_ORCID 
primary 'Hard, T.'   1 ? 
primary 'Rak, A.'    2 ? 
primary 'Allard, P.' 3 ? 
primary 'Kloo, L.'   4 ? 
primary 'Garber, M.' 5 ? 
# 
loop_
_entity.id 
_entity.type 
_entity.src_method 
_entity.pdbx_description 
_entity.formula_weight 
_entity.pdbx_number_of_molecules 
_entity.pdbx_ec 
_entity.pdbx_mutation 
_entity.pdbx_fragment 
_entity.details 
1 polymer     man 'L36 RIBOSOMAL PROTEIN' 4435.411 1 ? ? ? ? 
2 non-polymer syn 'ZINC ION'              65.409   1 ? ? ? ? 
# 
_entity_poly.entity_id                      1 
_entity_poly.type                           'polypeptide(L)' 
_entity_poly.nstd_linkage                   no 
_entity_poly.nstd_monomer                   no 
_entity_poly.pdbx_seq_one_letter_code       MKVRASVKRICDKCKVIRRHGRVYVICENPKHKQRQG 
_entity_poly.pdbx_seq_one_letter_code_can   MKVRASVKRICDKCKVIRRHGRVYVICENPKHKQRQG 
_entity_poly.pdbx_strand_id                 A 
_entity_poly.pdbx_target_identifier         ? 
# 
_pdbx_entity_nonpoly.entity_id   2 
_pdbx_entity_nonpoly.name        'ZINC ION' 
_pdbx_entity_nonpoly.comp_id     ZN 
# 
loop_
_entity_poly_seq.entity_id 
_entity_poly_seq.num 
_entity_poly_seq.mon_id 
_entity_poly_seq.hetero 
1 1  MET n 
1 2  LYS n 
1 3  VAL n 
1 4  ARG n 
1 5  ALA n 
1 6  SER n 
1 7  VAL n 
1 8  LYS n 
1 9  ARG n 
1 10 ILE n 
1 11 CYS n 
1 12 ASP n 
1 13 LYS n 
1 14 CYS n 
1 15 LYS n 
1 16 VAL n 
1 17 ILE n 
1 18 ARG n 
1 19 ARG n 
1 20 HIS n 
1 21 GLY n 
1 22 ARG n 
1 23 VAL n 
1 24 TYR n 
1 25 VAL n 
1 26 ILE n 
1 27 CYS n 
1 28 GLU n 
1 29 ASN n 
1 30 PRO n 
1 31 LYS n 
1 32 HIS n 
1 33 LYS n 
1 34 GLN n 
1 35 ARG n 
1 36 GLN n 
1 37 GLY n 
# 
_entity_src_gen.entity_id                          1 
_entity_src_gen.pdbx_src_id                        1 
_entity_src_gen.pdbx_alt_source_flag               sample 
_entity_src_gen.pdbx_seq_type                      ? 
_entity_src_gen.pdbx_beg_seq_num                   ? 
_entity_src_gen.pdbx_end_seq_num                   ? 
_entity_src_gen.gene_src_common_name               ? 
_entity_src_gen.gene_src_genus                     Thermus 
_entity_src_gen.pdbx_gene_src_gene                 ? 
_entity_src_gen.gene_src_species                   ? 
_entity_src_gen.gene_src_strain                    ? 
_entity_src_gen.gene_src_tissue                    ? 
_entity_src_gen.gene_src_tissue_fraction           ? 
_entity_src_gen.gene_src_details                   ? 
_entity_src_gen.pdbx_gene_src_fragment             ? 
_entity_src_gen.pdbx_gene_src_scientific_name      'Thermus thermophilus' 
_entity_src_gen.pdbx_gene_src_ncbi_taxonomy_id     274 
_entity_src_gen.pdbx_gene_src_variant              ? 
_entity_src_gen.pdbx_gene_src_cell_line            ? 
_entity_src_gen.pdbx_gene_src_atcc                 ? 
_entity_src_gen.pdbx_gene_src_organ                ? 
_entity_src_gen.pdbx_gene_src_organelle            ? 
_entity_src_gen.pdbx_gene_src_cell                 ? 
_entity_src_gen.pdbx_gene_src_cellular_location    ? 
_entity_src_gen.host_org_common_name               ? 
_entity_src_gen.pdbx_host_org_scientific_name      'Escherichia coli' 
_entity_src_gen.pdbx_host_org_ncbi_taxonomy_id     562 
_entity_src_gen.host_org_genus                     Escherichia 
_entity_src_gen.pdbx_host_org_gene                 ? 
_entity_src_gen.pdbx_host_org_organ                ? 
_entity_src_gen.host_org_species                   ? 
_entity_src_gen.pdbx_host_org_tissue               ? 
_entity_src_gen.pdbx_host_org_tissue_fraction      ? 
_entity_src_gen.pdbx_host_org_strain               ? 
_entity_src_gen.pdbx_host_org_variant              ? 
_entity_src_gen.pdbx_host_org_cell_line            ? 
_entity_src_gen.pdbx_host_org_atcc                 ? 
_entity_src_gen.pdbx_host_org_culture_collection   ? 
_entity_src_gen.pdbx_host_org_cell                 ? 
_entity_src_gen.pdbx_host_org_organelle            ? 
_entity_src_gen.pdbx_host_org_cellular_location    ? 
_entity_src_gen.pdbx_host_org_vector_type          ? 
_entity_src_gen.pdbx_host_org_vector               ? 
_entity_src_gen.host_org_details                   ? 
_entity_src_gen.expression_system_id               ? 
_entity_src_gen.plasmid_name                       ? 
_entity_src_gen.plasmid_details                    ? 
_entity_src_gen.pdbx_description                   ? 
# 
loop_
_chem_comp.id 
_chem_comp.type 
_chem_comp.mon_nstd_flag 
_chem_comp.name 
_chem_comp.pdbx_synonyms 
_chem_comp.formula 
_chem_comp.formula_weight 
ALA 'L-peptide linking' y ALANINE         ? 'C3 H7 N O2'     89.093  
ARG 'L-peptide linking' y ARGININE        ? 'C6 H15 N4 O2 1' 175.209 
ASN 'L-peptide linking' y ASPARAGINE      ? 'C4 H8 N2 O3'    132.118 
ASP 'L-peptide linking' y 'ASPARTIC ACID' ? 'C4 H7 N O4'     133.103 
CYS 'L-peptide linking' y CYSTEINE        ? 'C3 H7 N O2 S'   121.158 
GLN 'L-peptide linking' y GLUTAMINE       ? 'C5 H10 N2 O3'   146.144 
GLU 'L-peptide linking' y 'GLUTAMIC ACID' ? 'C5 H9 N O4'     147.129 
GLY 'peptide linking'   y GLYCINE         ? 'C2 H5 N O2'     75.067  
HIS 'L-peptide linking' y HISTIDINE       ? 'C6 H10 N3 O2 1' 156.162 
ILE 'L-peptide linking' y ISOLEUCINE      ? 'C6 H13 N O2'    131.173 
LYS 'L-peptide linking' y LYSINE          ? 'C6 H15 N2 O2 1' 147.195 
MET 'L-peptide linking' y METHIONINE      ? 'C5 H11 N O2 S'  149.211 
PRO 'L-peptide linking' y PROLINE         ? 'C5 H9 N O2'     115.130 
SER 'L-peptide linking' y SERINE          ? 'C3 H7 N O3'     105.093 
TYR 'L-peptide linking' y TYROSINE        ? 'C9 H11 N O3'    181.189 
VAL 'L-peptide linking' y VALINE          ? 'C5 H11 N O2'    117.146 
ZN  non-polymer         . 'ZINC ION'      ? 'Zn 2'           65.409  
# 
loop_
_pdbx_poly_seq_scheme.asym_id 
_pdbx_poly_seq_scheme.entity_id 
_pdbx_poly_seq_scheme.seq_id 
_pdbx_poly_seq_scheme.mon_id 
_pdbx_poly_seq_scheme.ndb_seq_num 
_pdbx_poly_seq_scheme.pdb_seq_num 
_pdbx_poly_seq_scheme.auth_seq_num 
_pdbx_poly_seq_scheme.pdb_mon_id 
_pdbx_poly_seq_scheme.auth_mon_id 
_pdbx_poly_seq_scheme.pdb_strand_id 
_pdbx_poly_seq_scheme.pdb_ins_code 
_pdbx_poly_seq_scheme.hetero 
A 1 1  MET 1  1  1  MET MET A . n 
A 1 2  LYS 2  2  2  LYS LYS A . n 
A 1 3  VAL 3  3  3  VAL VAL A . n 
A 1 4  ARG 4  4  4  ARG ARG A . n 
A 1 5  ALA 5  5  5  ALA ALA A . n 
A 1 6  SER 6  6  6  SER SER A . n 
A 1 7  VAL 7  7  7  VAL VAL A . n 
A 1 8  LYS 8  8  8  LYS LYS A . n 
A 1 9  ARG 9  9  9  ARG ARG A . n 
A 1 10 ILE 10 10 10 ILE ILE A . n 
A 1 11 CYS 11 11 11 CYS CYS A . n 
A 1 12 ASP 12 12 12 ASP ASP A . n 
A 1 13 LYS 13 13 13 LYS LYS A . n 
A 1 14 CYS 14 14 14 CYS CYS A . n 
A 1 15 LYS 15 15 15 LYS LYS A . n 
A 1 16 VAL 16 16 16 VAL VAL A . n 
A 1 17 ILE 17 17 17 ILE ILE A . n 
A 1 18 ARG 18 18 18 ARG ARG A . n 
A 1 19 ARG 19 19 19 ARG ARG A . n 
A 1 20 HIS 20 20 20 HIS HIS A . n 
A 1 21 GLY 21 21 21 GLY GLY A . n 
A 1 22 ARG 22 22 22 ARG ARG A . n 
A 1 23 VAL 23 23 23 VAL VAL A . n 
A 1 24 TYR 24 24 24 TYR TYR A . n 
A 1 25 VAL 25 25 25 VAL VAL A . n 
A 1 26 ILE 26 26 26 ILE ILE A . n 
A 1 27 CYS 27 27 27 CYS CYS A . n 
A 1 28 GLU 28 28 28 GLU GLU A . n 
A 1 29 ASN 29 29 29 ASN ASN A . n 
A 1 30 PRO 30 30 30 PRO PRO A . n 
A 1 31 LYS 31 31 31 LYS LYS A . n 
A 1 32 HIS 32 32 32 HIS HIS A . n 
A 1 33 LYS 33 33 33 LYS LYS A . n 
A 1 34 GLN 34 34 34 GLN GLN A . n 
A 1 35 ARG 35 35 35 ARG ARG A . n 
A 1 36 GLN 36 36 36 GLN GLN A . n 
A 1 37 GLY 37 37 37 GLY GLY A . n 
# 
_pdbx_nonpoly_scheme.asym_id         B 
_pdbx_nonpoly_scheme.entity_id       2 
_pdbx_nonpoly_scheme.mon_id          ZN 
_pdbx_nonpoly_scheme.ndb_seq_num     1 
_pdbx_nonpoly_scheme.pdb_seq_num     38 
_pdbx_nonpoly_scheme.auth_seq_num    38 
_pdbx_nonpoly_scheme.pdb_mon_id      ZN 
_pdbx_nonpoly_scheme.auth_mon_id     ZN 
_pdbx_nonpoly_scheme.pdb_strand_id   A 
_pdbx_nonpoly_scheme.pdb_ins_code    . 
# 
_cell.entry_id           1DFE 
_cell.length_a           1.000 
_cell.length_b           1.000 
_cell.length_c           1.000 
_cell.angle_alpha        90.00 
_cell.angle_beta         90.00 
_cell.angle_gamma        90.00 
_cell.Z_PDB              1 
_cell.pdbx_unique_axis   ? 
# 
_symmetry.entry_id                         1DFE 
_symmetry.space_group_name_H-M             'P 1' 
_symmetry.pdbx_full_space_group_name_H-M   ? 
_symmetry.cell_setting                     ? 
_symmetry.Int_Tables_number                1 
# 
_exptl.entry_id          1DFE 
_exptl.method            'SOLUTION NMR' 
_exptl.crystals_number   ? 
# 
_struct.entry_id                  1DFE 
_struct.title                     'NMR STRUCTURE OF RIBOSOMAL PROTEIN L36 FROM THERMUS THERMOPHILUS' 
_struct.pdbx_model_details        ? 
_struct.pdbx_CASP_flag            ? 
_struct.pdbx_model_type_details   'minimized average' 
# 
_struct_keywords.entry_id        1DFE 
_struct_keywords.pdbx_keywords   RIBOSOME 
_struct_keywords.text            'ANTI-PARALLEL BETA SHEET, ZINC BINDING, ribosome' 
# 
loop_
_struct_asym.id 
_struct_asym.pdbx_blank_PDB_chainid_flag 
_struct_asym.pdbx_modified 
_struct_asym.entity_id 
_struct_asym.details 
A N N 1 ? 
B N N 2 ? 
# 
_struct_ref.id                         1 
_struct_ref.db_name                    UNP 
_struct_ref.db_code                    RL36_THETH 
_struct_ref.entity_id                  1 
_struct_ref.pdbx_db_accession          P80256 
_struct_ref.pdbx_align_begin           ? 
_struct_ref.pdbx_seq_one_letter_code   ? 
_struct_ref.pdbx_db_isoform            ? 
# 
_struct_ref_seq.align_id                      1 
_struct_ref_seq.ref_id                        1 
_struct_ref_seq.pdbx_PDB_id_code              1DFE 
_struct_ref_seq.pdbx_strand_id                A 
_struct_ref_seq.seq_align_beg                 1 
_struct_ref_seq.pdbx_seq_align_beg_ins_code   ? 
_struct_ref_seq.seq_align_end                 37 
_struct_ref_seq.pdbx_seq_align_end_ins_code   ? 
_struct_ref_seq.pdbx_db_accession             P80256 
_struct_ref_seq.db_align_beg                  1 
_struct_ref_seq.pdbx_db_align_beg_ins_code    ? 
_struct_ref_seq.db_align_end                  37 
_struct_ref_seq.pdbx_db_align_end_ins_code    ? 
_struct_ref_seq.pdbx_auth_seq_align_beg       1 
_struct_ref_seq.pdbx_auth_seq_align_end       37 
# 
_pdbx_struct_assembly.id                   1 
_pdbx_struct_assembly.details              author_defined_assembly 
_pdbx_struct_assembly.method_details       ? 
_pdbx_struct_assembly.oligomeric_details   monomeric 
_pdbx_struct_assembly.oligomeric_count     1 
# 
_pdbx_struct_assembly_gen.assembly_id       1 
_pdbx_struct_assembly_gen.oper_expression   1 
_pdbx_struct_assembly_gen.asym_id_list      A,B 
# 
_pdbx_struct_oper_list.id                   1 
_pdbx_struct_oper_list.type                 'identity operation' 
_pdbx_struct_oper_list.name                 1_555 
_pdbx_struct_oper_list.symmetry_operation   x,y,z 
_pdbx_struct_oper_list.matrix[1][1]         1.0000000000 
_pdbx_struct_oper_list.matrix[1][2]         0.0000000000 
_pdbx_struct_oper_list.matrix[1][3]         0.0000000000 
_pdbx_struct_oper_list.vector[1]            0.0000000000 
_pdbx_struct_oper_list.matrix[2][1]         0.0000000000 
_pdbx_struct_oper_list.matrix[2][2]         1.0000000000 
_pdbx_struct_oper_list.matrix[2][3]         0.0000000000 
_pdbx_struct_oper_list.vector[2]            0.0000000000 
_pdbx_struct_oper_list.matrix[3][1]         0.0000000000 
_pdbx_struct_oper_list.matrix[3][2]         0.0000000000 
_pdbx_struct_oper_list.matrix[3][3]         1.0000000000 
_pdbx_struct_oper_list.vector[3]            0.0000000000 
# 
_struct_biol.id   1 
# 
_struct_conf.conf_type_id            HELX_P 
_struct_conf.id                      HELX_P1 
_struct_conf.pdbx_PDB_helix_id       1 
_struct_conf.beg_label_comp_id       ASN 
_struct_conf.beg_label_asym_id       A 
_struct_conf.beg_label_seq_id        29 
_struct_conf.pdbx_beg_PDB_ins_code   ? 
_struct_conf.end_label_comp_id       LYS 
_struct_conf.end_label_asym_id       A 
_struct_conf.end_label_seq_id        33 
_struct_conf.pdbx_end_PDB_ins_code   ? 
_struct_conf.beg_auth_comp_id        ASN 
_struct_conf.beg_auth_asym_id        A 
_struct_conf.beg_auth_seq_id         29 
_struct_conf.end_auth_comp_id        LYS 
_struct_conf.end_auth_asym_id        A 
_struct_conf.end_auth_seq_id         33 
_struct_conf.pdbx_PDB_helix_class    5 
_struct_conf.details                 ? 
_struct_conf.pdbx_PDB_helix_length   5 
# 
_struct_conf_type.id          HELX_P 
_struct_conf_type.criteria    ? 
_struct_conf_type.reference   ? 
# 
loop_
_struct_conn.id 
_struct_conn.conn_type_id 
_struct_conn.pdbx_leaving_atom_flag 
_struct_conn.pdbx_PDB_id 
_struct_conn.ptnr1_label_asym_id 
_struct_conn.ptnr1_label_comp_id 
_struct_conn.ptnr1_label_seq_id 
_struct_conn.ptnr1_label_atom_id 
_struct_conn.pdbx_ptnr1_label_alt_id 
_struct_conn.pdbx_ptnr1_PDB_ins_code 
_struct_conn.pdbx_ptnr1_standard_comp_id 
_struct_conn.ptnr1_symmetry 
_struct_conn.ptnr2_label_asym_id 
_struct_conn.ptnr2_label_comp_id 
_struct_conn.ptnr2_label_seq_id 
_struct_conn.ptnr2_label_atom_id 
_struct_conn.pdbx_ptnr2_label_alt_id 
_struct_conn.pdbx_ptnr2_PDB_ins_code 
_struct_conn.ptnr1_auth_asym_id 
_struct_conn.ptnr1_auth_comp_id 
_struct_conn.ptnr1_auth_seq_id 
_struct_conn.ptnr2_auth_asym_id 
_struct_conn.ptnr2_auth_comp_id 
_struct_conn.ptnr2_auth_seq_id 
_struct_conn.ptnr2_symmetry 
_struct_conn.pdbx_ptnr3_label_atom_id 
_struct_conn.pdbx_ptnr3_label_seq_id 
_struct_conn.pdbx_ptnr3_label_comp_id 
_struct_conn.pdbx_ptnr3_label_asym_id 
_struct_conn.pdbx_ptnr3_label_alt_id 
_struct_conn.pdbx_ptnr3_PDB_ins_code 
_struct_conn.details 
_struct_conn.pdbx_dist_value 
_struct_conn.pdbx_value_order 
_struct_conn.pdbx_role 
metalc1 metalc ? ? A CYS 11 SG  ? ? ? 1_555 B ZN . ZN ? ? A CYS 11 A ZN 38 1_555 ? ? ? ? ? ? ? 2.301 ? ? 
metalc2 metalc ? ? A CYS 14 SG  ? ? ? 1_555 B ZN . ZN ? ? A CYS 14 A ZN 38 1_555 ? ? ? ? ? ? ? 2.302 ? ? 
metalc3 metalc ? ? A CYS 27 SG  ? ? ? 1_555 B ZN . ZN ? ? A CYS 27 A ZN 38 1_555 ? ? ? ? ? ? ? 2.305 ? ? 
metalc4 metalc ? ? A HIS 32 ND1 ? ? ? 1_555 B ZN . ZN ? ? A HIS 32 A ZN 38 1_555 ? ? ? ? ? ? ? 2.009 ? ? 
# 
_struct_conn_type.id          metalc 
_struct_conn_type.criteria    ? 
_struct_conn_type.reference   ? 
# 
loop_
_pdbx_struct_conn_angle.id 
_pdbx_struct_conn_angle.ptnr1_label_atom_id 
_pdbx_struct_conn_angle.ptnr1_label_alt_id 
_pdbx_struct_conn_angle.ptnr1_label_asym_id 
_pdbx_struct_conn_angle.ptnr1_label_comp_id 
_pdbx_struct_conn_angle.ptnr1_label_seq_id 
_pdbx_struct_conn_angle.ptnr1_auth_atom_id 
_pdbx_struct_conn_angle.ptnr1_auth_asym_id 
_pdbx_struct_conn_angle.ptnr1_auth_comp_id 
_pdbx_struct_conn_angle.ptnr1_auth_seq_id 
_pdbx_struct_conn_angle.ptnr1_PDB_ins_code 
_pdbx_struct_conn_angle.ptnr1_symmetry 
_pdbx_struct_conn_angle.ptnr2_label_atom_id 
_pdbx_struct_conn_angle.ptnr2_label_alt_id 
_pdbx_struct_conn_angle.ptnr2_label_asym_id 
_pdbx_struct_conn_angle.ptnr2_label_comp_id 
_pdbx_struct_conn_angle.ptnr2_label_seq_id 
_pdbx_struct_conn_angle.ptnr2_auth_atom_id 
_pdbx_struct_conn_angle.ptnr2_auth_asym_id 
_pdbx_struct_conn_angle.ptnr2_auth_comp_id 
_pdbx_struct_conn_angle.ptnr2_auth_seq_id 
_pdbx_struct_conn_angle.ptnr2_PDB_ins_code 
_pdbx_struct_conn_angle.ptnr2_symmetry 
_pdbx_struct_conn_angle.ptnr3_label_atom_id 
_pdbx_struct_conn_angle.ptnr3_label_alt_id 
_pdbx_struct_conn_angle.ptnr3_label_asym_id 
_pdbx_struct_conn_angle.ptnr3_label_comp_id 
_pdbx_struct_conn_angle.ptnr3_label_seq_id 
_pdbx_struct_conn_angle.ptnr3_auth_atom_id 
_pdbx_struct_conn_angle.ptnr3_auth_asym_id 
_pdbx_struct_conn_angle.ptnr3_auth_comp_id 
_pdbx_struct_conn_angle.ptnr3_auth_seq_id 
_pdbx_struct_conn_angle.ptnr3_PDB_ins_code 
_pdbx_struct_conn_angle.ptnr3_symmetry 
_pdbx_struct_conn_angle.value 
_pdbx_struct_conn_angle.value_esd 
1 SG ? A CYS 11 ? A CYS 11 ? 1_555 ZN ? B ZN . ? A ZN 38 ? 1_555 SG  ? A CYS 14 ? A CYS 14 ? 1_555 107.4 ? 
2 SG ? A CYS 11 ? A CYS 11 ? 1_555 ZN ? B ZN . ? A ZN 38 ? 1_555 SG  ? A CYS 27 ? A CYS 27 ? 1_555 108.1 ? 
3 SG ? A CYS 14 ? A CYS 14 ? 1_555 ZN ? B ZN . ? A ZN 38 ? 1_555 SG  ? A CYS 27 ? A CYS 27 ? 1_555 111.3 ? 
4 SG ? A CYS 11 ? A CYS 11 ? 1_555 ZN ? B ZN . ? A ZN 38 ? 1_555 ND1 ? A HIS 32 ? A HIS 32 ? 1_555 109.1 ? 
5 SG ? A CYS 14 ? A CYS 14 ? 1_555 ZN ? B ZN . ? A ZN 38 ? 1_555 ND1 ? A HIS 32 ? A HIS 32 ? 1_555 110.1 ? 
6 SG ? A CYS 27 ? A CYS 27 ? 1_555 ZN ? B ZN . ? A ZN 38 ? 1_555 ND1 ? A HIS 32 ? A HIS 32 ? 1_555 110.8 ? 
# 
_struct_sheet.id               A 
_struct_sheet.type             ? 
_struct_sheet.number_strands   3 
_struct_sheet.details          ? 
# 
loop_
_struct_sheet_order.sheet_id 
_struct_sheet_order.range_id_1 
_struct_sheet_order.range_id_2 
_struct_sheet_order.offset 
_struct_sheet_order.sense 
A 1 2 ? anti-parallel 
A 2 3 ? anti-parallel 
# 
loop_
_struct_sheet_range.sheet_id 
_struct_sheet_range.id 
_struct_sheet_range.beg_label_comp_id 
_struct_sheet_range.beg_label_asym_id 
_struct_sheet_range.beg_label_seq_id 
_struct_sheet_range.pdbx_beg_PDB_ins_code 
_struct_sheet_range.end_label_comp_id 
_struct_sheet_range.end_label_asym_id 
_struct_sheet_range.end_label_seq_id 
_struct_sheet_range.pdbx_end_PDB_ins_code 
_struct_sheet_range.beg_auth_comp_id 
_struct_sheet_range.beg_auth_asym_id 
_struct_sheet_range.beg_auth_seq_id 
_struct_sheet_range.end_auth_comp_id 
_struct_sheet_range.end_auth_asym_id 
_struct_sheet_range.end_auth_seq_id 
A 1 LYS A 15 ? ARG A 18 ? LYS A 15 ARG A 18 
A 2 VAL A 23 ? ILE A 26 ? VAL A 23 ILE A 26 
A 3 GLN A 34 ? GLN A 36 ? GLN A 34 GLN A 36 
# 
loop_
_pdbx_struct_sheet_hbond.sheet_id 
_pdbx_struct_sheet_hbond.range_id_1 
_pdbx_struct_sheet_hbond.range_id_2 
_pdbx_struct_sheet_hbond.range_1_label_atom_id 
_pdbx_struct_sheet_hbond.range_1_label_comp_id 
_pdbx_struct_sheet_hbond.range_1_label_asym_id 
_pdbx_struct_sheet_hbond.range_1_label_seq_id 
_pdbx_struct_sheet_hbond.range_1_PDB_ins_code 
_pdbx_struct_sheet_hbond.range_1_auth_atom_id 
_pdbx_struct_sheet_hbond.range_1_auth_comp_id 
_pdbx_struct_sheet_hbond.range_1_auth_asym_id 
_pdbx_struct_sheet_hbond.range_1_auth_seq_id 
_pdbx_struct_sheet_hbond.range_2_label_atom_id 
_pdbx_struct_sheet_hbond.range_2_label_comp_id 
_pdbx_struct_sheet_hbond.range_2_label_asym_id 
_pdbx_struct_sheet_hbond.range_2_label_seq_id 
_pdbx_struct_sheet_hbond.range_2_PDB_ins_code 
_pdbx_struct_sheet_hbond.range_2_auth_atom_id 
_pdbx_struct_sheet_hbond.range_2_auth_comp_id 
_pdbx_struct_sheet_hbond.range_2_auth_asym_id 
_pdbx_struct_sheet_hbond.range_2_auth_seq_id 
A 1 2 N ILE A 17 ? N ILE A 17 O TYR A 24 ? O TYR A 24 
A 2 3 N VAL A 25 ? N VAL A 25 O GLN A 34 ? O GLN A 34 
# 
_struct_site.id                   AC1 
_struct_site.pdbx_evidence_code   Software 
_struct_site.pdbx_auth_asym_id    A 
_struct_site.pdbx_auth_comp_id    ZN 
_struct_site.pdbx_auth_seq_id     38 
_struct_site.pdbx_auth_ins_code   ? 
_struct_site.pdbx_num_residues    4 
_struct_site.details              'BINDING SITE FOR RESIDUE ZN A 38' 
# 
loop_
_struct_site_gen.id 
_struct_site_gen.site_id 
_struct_site_gen.pdbx_num_res 
_struct_site_gen.label_comp_id 
_struct_site_gen.label_asym_id 
_struct_site_gen.label_seq_id 
_struct_site_gen.pdbx_auth_ins_code 
_struct_site_gen.auth_comp_id 
_struct_site_gen.auth_asym_id 
_struct_site_gen.auth_seq_id 
_struct_site_gen.label_atom_id 
_struct_site_gen.label_alt_id 
_struct_site_gen.symmetry 
_struct_site_gen.details 
1 AC1 4 CYS A 11 ? CYS A 11 . ? 1_555 ? 
2 AC1 4 CYS A 14 ? CYS A 14 . ? 1_555 ? 
3 AC1 4 CYS A 27 ? CYS A 27 . ? 1_555 ? 
4 AC1 4 HIS A 32 ? HIS A 32 . ? 1_555 ? 
# 
loop_
_pdbx_validate_torsion.id 
_pdbx_validate_torsion.PDB_model_num 
_pdbx_validate_torsion.auth_comp_id 
_pdbx_validate_torsion.auth_asym_id 
_pdbx_validate_torsion.auth_seq_id 
_pdbx_validate_torsion.PDB_ins_code 
_pdbx_validate_torsion.label_alt_id 
_pdbx_validate_torsion.phi 
_pdbx_validate_torsion.psi 
1 1 ILE A 10 ? ? -109.32 -60.60  
2 1 CYS A 11 ? ? -109.03 -167.60 
3 1 ARG A 19 ? ? -130.50 -157.07 
4 1 HIS A 20 ? ? -47.66  83.15   
# 
_pdbx_nmr_ensemble.entry_id                             1DFE 
_pdbx_nmr_ensemble.conformers_calculated_total_number   ? 
_pdbx_nmr_ensemble.conformers_submitted_total_number    1 
_pdbx_nmr_ensemble.conformer_selection_criteria         ? 
# 
_pdbx_nmr_representative.entry_id             1DFE 
_pdbx_nmr_representative.conformer_id         ? 
_pdbx_nmr_representative.selection_criteria   'minimized average structure' 
# 
loop_
_chem_comp_atom.comp_id 
_chem_comp_atom.atom_id 
_chem_comp_atom.type_symbol 
_chem_comp_atom.pdbx_aromatic_flag 
_chem_comp_atom.pdbx_stereo_config 
_chem_comp_atom.pdbx_ordinal 
ALA N    N  N N 1   
ALA CA   C  N S 2   
ALA C    C  N N 3   
ALA O    O  N N 4   
ALA CB   C  N N 5   
ALA OXT  O  N N 6   
ALA H    H  N N 7   
ALA H2   H  N N 8   
ALA HA   H  N N 9   
ALA HB1  H  N N 10  
ALA HB2  H  N N 11  
ALA HB3  H  N N 12  
ALA HXT  H  N N 13  
ARG N    N  N N 14  
ARG CA   C  N S 15  
ARG C    C  N N 16  
ARG O    O  N N 17  
ARG CB   C  N N 18  
ARG CG   C  N N 19  
ARG CD   C  N N 20  
ARG NE   N  N N 21  
ARG CZ   C  N N 22  
ARG NH1  N  N N 23  
ARG NH2  N  N N 24  
ARG OXT  O  N N 25  
ARG H    H  N N 26  
ARG H2   H  N N 27  
ARG HA   H  N N 28  
ARG HB2  H  N N 29  
ARG HB3  H  N N 30  
ARG HG2  H  N N 31  
ARG HG3  H  N N 32  
ARG HD2  H  N N 33  
ARG HD3  H  N N 34  
ARG HE   H  N N 35  
ARG HH11 H  N N 36  
ARG HH12 H  N N 37  
ARG HH21 H  N N 38  
ARG HH22 H  N N 39  
ARG HXT  H  N N 40  
ASN N    N  N N 41  
ASN CA   C  N S 42  
ASN C    C  N N 43  
ASN O    O  N N 44  
ASN CB   C  N N 45  
ASN CG   C  N N 46  
ASN OD1  O  N N 47  
ASN ND2  N  N N 48  
ASN OXT  O  N N 49  
ASN H    H  N N 50  
ASN H2   H  N N 51  
ASN HA   H  N N 52  
ASN HB2  H  N N 53  
ASN HB3  H  N N 54  
ASN HD21 H  N N 55  
ASN HD22 H  N N 56  
ASN HXT  H  N N 57  
ASP N    N  N N 58  
ASP CA   C  N S 59  
ASP C    C  N N 60  
ASP O    O  N N 61  
ASP CB   C  N N 62  
ASP CG   C  N N 63  
ASP OD1  O  N N 64  
ASP OD2  O  N N 65  
ASP OXT  O  N N 66  
ASP H    H  N N 67  
ASP H2   H  N N 68  
ASP HA   H  N N 69  
ASP HB2  H  N N 70  
ASP HB3  H  N N 71  
ASP HD2  H  N N 72  
ASP HXT  H  N N 73  
CYS N    N  N N 74  
CYS CA   C  N R 75  
CYS C    C  N N 76  
CYS O    O  N N 77  
CYS CB   C  N N 78  
CYS SG   S  N N 79  
CYS OXT  O  N N 80  
CYS H    H  N N 81  
CYS H2   H  N N 82  
CYS HA   H  N N 83  
CYS HB2  H  N N 84  
CYS HB3  H  N N 85  
CYS HG   H  N N 86  
CYS HXT  H  N N 87  
GLN N    N  N N 88  
GLN CA   C  N S 89  
GLN C    C  N N 90  
GLN O    O  N N 91  
GLN CB   C  N N 92  
GLN CG   C  N N 93  
GLN CD   C  N N 94  
GLN OE1  O  N N 95  
GLN NE2  N  N N 96  
GLN OXT  O  N N 97  
GLN H    H  N N 98  
GLN H2   H  N N 99  
GLN HA   H  N N 100 
GLN HB2  H  N N 101 
GLN HB3  H  N N 102 
GLN HG2  H  N N 103 
GLN HG3  H  N N 104 
GLN HE21 H  N N 105 
GLN HE22 H  N N 106 
GLN HXT  H  N N 107 
GLU N    N  N N 108 
GLU CA   C  N S 109 
GLU C    C  N N 110 
GLU O    O  N N 111 
GLU CB   C  N N 112 
GLU CG   C  N N 113 
GLU CD   C  N N 114 
GLU OE1  O  N N 115 
GLU OE2  O  N N 116 
GLU OXT  O  N N 117 
GLU H    H  N N 118 
GLU H2   H  N N 119 
GLU HA   H  N N 120 
GLU HB2  H  N N 121 
GLU HB3  H  N N 122 
GLU HG2  H  N N 123 
GLU HG3  H  N N 124 
GLU HE2  H  N N 125 
GLU HXT  H  N N 126 
GLY N    N  N N 127 
GLY CA   C  N N 128 
GLY C    C  N N 129 
GLY O    O  N N 130 
GLY OXT  O  N N 131 
GLY H    H  N N 132 
GLY H2   H  N N 133 
GLY HA2  H  N N 134 
GLY HA3  H  N N 135 
GLY HXT  H  N N 136 
HIS N    N  N N 137 
HIS CA   C  N S 138 
HIS C    C  N N 139 
HIS O    O  N N 140 
HIS CB   C  N N 141 
HIS CG   C  Y N 142 
HIS ND1  N  Y N 143 
HIS CD2  C  Y N 144 
HIS CE1  C  Y N 145 
HIS NE2  N  Y N 146 
HIS OXT  O  N N 147 
HIS H    H  N N 148 
HIS H2   H  N N 149 
HIS HA   H  N N 150 
HIS HB2  H  N N 151 
HIS HB3  H  N N 152 
HIS HD1  H  N N 153 
HIS HD2  H  N N 154 
HIS HE1  H  N N 155 
HIS HE2  H  N N 156 
HIS HXT  H  N N 157 
ILE N    N  N N 158 
ILE CA   C  N S 159 
ILE C    C  N N 160 
ILE O    O  N N 161 
ILE CB   C  N S 162 
ILE CG1  C  N N 163 
ILE CG2  C  N N 164 
ILE CD1  C  N N 165 
ILE OXT  O  N N 166 
ILE H    H  N N 167 
ILE H2   H  N N 168 
ILE HA   H  N N 169 
ILE HB   H  N N 170 
ILE HG12 H  N N 171 
ILE HG13 H  N N 172 
ILE HG21 H  N N 173 
ILE HG22 H  N N 174 
ILE HG23 H  N N 175 
ILE HD11 H  N N 176 
ILE HD12 H  N N 177 
ILE HD13 H  N N 178 
ILE HXT  H  N N 179 
LYS N    N  N N 180 
LYS CA   C  N S 181 
LYS C    C  N N 182 
LYS O    O  N N 183 
LYS CB   C  N N 184 
LYS CG   C  N N 185 
LYS CD   C  N N 186 
LYS CE   C  N N 187 
LYS NZ   N  N N 188 
LYS OXT  O  N N 189 
LYS H    H  N N 190 
LYS H2   H  N N 191 
LYS HA   H  N N 192 
LYS HB2  H  N N 193 
LYS HB3  H  N N 194 
LYS HG2  H  N N 195 
LYS HG3  H  N N 196 
LYS HD2  H  N N 197 
LYS HD3  H  N N 198 
LYS HE2  H  N N 199 
LYS HE3  H  N N 200 
LYS HZ1  H  N N 201 
LYS HZ2  H  N N 202 
LYS HZ3  H  N N 203 
LYS HXT  H  N N 204 
MET N    N  N N 205 
MET CA   C  N S 206 
MET C    C  N N 207 
MET O    O  N N 208 
MET CB   C  N N 209 
MET CG   C  N N 210 
MET SD   S  N N 211 
MET CE   C  N N 212 
MET OXT  O  N N 213 
MET H    H  N N 214 
MET H2   H  N N 215 
MET HA   H  N N 216 
MET HB2  H  N N 217 
MET HB3  H  N N 218 
MET HG2  H  N N 219 
MET HG3  H  N N 220 
MET HE1  H  N N 221 
MET HE2  H  N N 222 
MET HE3  H  N N 223 
MET HXT  H  N N 224 
PRO N    N  N N 225 
PRO CA   C  N S 226 
PRO C    C  N N 227 
PRO O    O  N N 228 
PRO CB   C  N N 229 
PRO CG   C  N N 230 
PRO CD   C  N N 231 
PRO OXT  O  N N 232 
PRO H    H  N N 233 
PRO HA   H  N N 234 
PRO HB2  H  N N 235 
PRO HB3  H  N N 236 
PRO HG2  H  N N 237 
PRO HG3  H  N N 238 
PRO HD2  H  N N 239 
PRO HD3  H  N N 240 
PRO HXT  H  N N 241 
SER N    N  N N 242 
SER CA   C  N S 243 
SER C    C  N N 244 
SER O    O  N N 245 
SER CB   C  N N 246 
SER OG   O  N N 247 
SER OXT  O  N N 248 
SER H    H  N N 249 
SER H2   H  N N 250 
SER HA   H  N N 251 
SER HB2  H  N N 252 
SER HB3  H  N N 253 
SER HG   H  N N 254 
SER HXT  H  N N 255 
TYR N    N  N N 256 
TYR CA   C  N S 257 
TYR C    C  N N 258 
TYR O    O  N N 259 
TYR CB   C  N N 260 
TYR CG   C  Y N 261 
TYR CD1  C  Y N 262 
TYR CD2  C  Y N 263 
TYR CE1  C  Y N 264 
TYR CE2  C  Y N 265 
TYR CZ   C  Y N 266 
TYR OH   O  N N 267 
TYR OXT  O  N N 268 
TYR H    H  N N 269 
TYR H2   H  N N 270 
TYR HA   H  N N 271 
TYR HB2  H  N N 272 
TYR HB3  H  N N 273 
TYR HD1  H  N N 274 
TYR HD2  H  N N 275 
TYR HE1  H  N N 276 
TYR HE2  H  N N 277 
TYR HH   H  N N 278 
TYR HXT  H  N N 279 
VAL N    N  N N 280 
VAL CA   C  N S 281 
VAL C    C  N N 282 
VAL O    O  N N 283 
VAL CB   C  N N 284 
VAL CG1  C  N N 285 
VAL CG2  C  N N 286 
VAL OXT  O  N N 287 
VAL H    H  N N 288 
VAL H2   H  N N 289 
VAL HA   H  N N 290 
VAL HB   H  N N 291 
VAL HG11 H  N N 292 
VAL HG12 H  N N 293 
VAL HG13 H  N N 294 
VAL HG21 H  N N 295 
VAL HG22 H  N N 296 
VAL HG23 H  N N 297 
VAL HXT  H  N N 298 
ZN  ZN   ZN N N 299 
# 
loop_
_chem_comp_bond.comp_id 
_chem_comp_bond.atom_id_1 
_chem_comp_bond.atom_id_2 
_chem_comp_bond.value_order 
_chem_comp_bond.pdbx_aromatic_flag 
_chem_comp_bond.pdbx_stereo_config 
_chem_comp_bond.pdbx_ordinal 
ALA N   CA   sing N N 1   
ALA N   H    sing N N 2   
ALA N   H2   sing N N 3   
ALA CA  C    sing N N 4   
ALA CA  CB   sing N N 5   
ALA CA  HA   sing N N 6   
ALA C   O    doub N N 7   
ALA C   OXT  sing N N 8   
ALA CB  HB1  sing N N 9   
ALA CB  HB2  sing N N 10  
ALA CB  HB3  sing N N 11  
ALA OXT HXT  sing N N 12  
ARG N   CA   sing N N 13  
ARG N   H    sing N N 14  
ARG N   H2   sing N N 15  
ARG CA  C    sing N N 16  
ARG CA  CB   sing N N 17  
ARG CA  HA   sing N N 18  
ARG C   O    doub N N 19  
ARG C   OXT  sing N N 20  
ARG CB  CG   sing N N 21  
ARG CB  HB2  sing N N 22  
ARG CB  HB3  sing N N 23  
ARG CG  CD   sing N N 24  
ARG CG  HG2  sing N N 25  
ARG CG  HG3  sing N N 26  
ARG CD  NE   sing N N 27  
ARG CD  HD2  sing N N 28  
ARG CD  HD3  sing N N 29  
ARG NE  CZ   sing N N 30  
ARG NE  HE   sing N N 31  
ARG CZ  NH1  sing N N 32  
ARG CZ  NH2  doub N N 33  
ARG NH1 HH11 sing N N 34  
ARG NH1 HH12 sing N N 35  
ARG NH2 HH21 sing N N 36  
ARG NH2 HH22 sing N N 37  
ARG OXT HXT  sing N N 38  
ASN N   CA   sing N N 39  
ASN N   H    sing N N 40  
ASN N   H2   sing N N 41  
ASN CA  C    sing N N 42  
ASN CA  CB   sing N N 43  
ASN CA  HA   sing N N 44  
ASN C   O    doub N N 45  
ASN C   OXT  sing N N 46  
ASN CB  CG   sing N N 47  
ASN CB  HB2  sing N N 48  
ASN CB  HB3  sing N N 49  
ASN CG  OD1  doub N N 50  
ASN CG  ND2  sing N N 51  
ASN ND2 HD21 sing N N 52  
ASN ND2 HD22 sing N N 53  
ASN OXT HXT  sing N N 54  
ASP N   CA   sing N N 55  
ASP N   H    sing N N 56  
ASP N   H2   sing N N 57  
ASP CA  C    sing N N 58  
ASP CA  CB   sing N N 59  
ASP CA  HA   sing N N 60  
ASP C   O    doub N N 61  
ASP C   OXT  sing N N 62  
ASP CB  CG   sing N N 63  
ASP CB  HB2  sing N N 64  
ASP CB  HB3  sing N N 65  
ASP CG  OD1  doub N N 66  
ASP CG  OD2  sing N N 67  
ASP OD2 HD2  sing N N 68  
ASP OXT HXT  sing N N 69  
CYS N   CA   sing N N 70  
CYS N   H    sing N N 71  
CYS N   H2   sing N N 72  
CYS CA  C    sing N N 73  
CYS CA  CB   sing N N 74  
CYS CA  HA   sing N N 75  
CYS C   O    doub N N 76  
CYS C   OXT  sing N N 77  
CYS CB  SG   sing N N 78  
CYS CB  HB2  sing N N 79  
CYS CB  HB3  sing N N 80  
CYS SG  HG   sing N N 81  
CYS OXT HXT  sing N N 82  
GLN N   CA   sing N N 83  
GLN N   H    sing N N 84  
GLN N   H2   sing N N 85  
GLN CA  C    sing N N 86  
GLN CA  CB   sing N N 87  
GLN CA  HA   sing N N 88  
GLN C   O    doub N N 89  
GLN C   OXT  sing N N 90  
GLN CB  CG   sing N N 91  
GLN CB  HB2  sing N N 92  
GLN CB  HB3  sing N N 93  
GLN CG  CD   sing N N 94  
GLN CG  HG2  sing N N 95  
GLN CG  HG3  sing N N 96  
GLN CD  OE1  doub N N 97  
GLN CD  NE2  sing N N 98  
GLN NE2 HE21 sing N N 99  
GLN NE2 HE22 sing N N 100 
GLN OXT HXT  sing N N 101 
GLU N   CA   sing N N 102 
GLU N   H    sing N N 103 
GLU N   H2   sing N N 104 
GLU CA  C    sing N N 105 
GLU CA  CB   sing N N 106 
GLU CA  HA   sing N N 107 
GLU C   O    doub N N 108 
GLU C   OXT  sing N N 109 
GLU CB  CG   sing N N 110 
GLU CB  HB2  sing N N 111 
GLU CB  HB3  sing N N 112 
GLU CG  CD   sing N N 113 
GLU CG  HG2  sing N N 114 
GLU CG  HG3  sing N N 115 
GLU CD  OE1  doub N N 116 
GLU CD  OE2  sing N N 117 
GLU OE2 HE2  sing N N 118 
GLU OXT HXT  sing N N 119 
GLY N   CA   sing N N 120 
GLY N   H    sing N N 121 
GLY N   H2   sing N N 122 
GLY CA  C    sing N N 123 
GLY CA  HA2  sing N N 124 
GLY CA  HA3  sing N N 125 
GLY C   O    doub N N 126 
GLY C   OXT  sing N N 127 
GLY OXT HXT  sing N N 128 
HIS N   CA   sing N N 129 
HIS N   H    sing N N 130 
HIS N   H2   sing N N 131 
HIS CA  C    sing N N 132 
HIS CA  CB   sing N N 133 
HIS CA  HA   sing N N 134 
HIS C   O    doub N N 135 
HIS C   OXT  sing N N 136 
HIS CB  CG   sing N N 137 
HIS CB  HB2  sing N N 138 
HIS CB  HB3  sing N N 139 
HIS CG  ND1  sing Y N 140 
HIS CG  CD2  doub Y N 141 
HIS ND1 CE1  doub Y N 142 
HIS ND1 HD1  sing N N 143 
HIS CD2 NE2  sing Y N 144 
HIS CD2 HD2  sing N N 145 
HIS CE1 NE2  sing Y N 146 
HIS CE1 HE1  sing N N 147 
HIS NE2 HE2  sing N N 148 
HIS OXT HXT  sing N N 149 
ILE N   CA   sing N N 150 
ILE N   H    sing N N 151 
ILE N   H2   sing N N 152 
ILE CA  C    sing N N 153 
ILE CA  CB   sing N N 154 
ILE CA  HA   sing N N 155 
ILE C   O    doub N N 156 
ILE C   OXT  sing N N 157 
ILE CB  CG1  sing N N 158 
ILE CB  CG2  sing N N 159 
ILE CB  HB   sing N N 160 
ILE CG1 CD1  sing N N 161 
ILE CG1 HG12 sing N N 162 
ILE CG1 HG13 sing N N 163 
ILE CG2 HG21 sing N N 164 
ILE CG2 HG22 sing N N 165 
ILE CG2 HG23 sing N N 166 
ILE CD1 HD11 sing N N 167 
ILE CD1 HD12 sing N N 168 
ILE CD1 HD13 sing N N 169 
ILE OXT HXT  sing N N 170 
LYS N   CA   sing N N 171 
LYS N   H    sing N N 172 
LYS N   H2   sing N N 173 
LYS CA  C    sing N N 174 
LYS CA  CB   sing N N 175 
LYS CA  HA   sing N N 176 
LYS C   O    doub N N 177 
LYS C   OXT  sing N N 178 
LYS CB  CG   sing N N 179 
LYS CB  HB2  sing N N 180 
LYS CB  HB3  sing N N 181 
LYS CG  CD   sing N N 182 
LYS CG  HG2  sing N N 183 
LYS CG  HG3  sing N N 184 
LYS CD  CE   sing N N 185 
LYS CD  HD2  sing N N 186 
LYS CD  HD3  sing N N 187 
LYS CE  NZ   sing N N 188 
LYS CE  HE2  sing N N 189 
LYS CE  HE3  sing N N 190 
LYS NZ  HZ1  sing N N 191 
LYS NZ  HZ2  sing N N 192 
LYS NZ  HZ3  sing N N 193 
LYS OXT HXT  sing N N 194 
MET N   CA   sing N N 195 
MET N   H    sing N N 196 
MET N   H2   sing N N 197 
MET CA  C    sing N N 198 
MET CA  CB   sing N N 199 
MET CA  HA   sing N N 200 
MET C   O    doub N N 201 
MET C   OXT  sing N N 202 
MET CB  CG   sing N N 203 
MET CB  HB2  sing N N 204 
MET CB  HB3  sing N N 205 
MET CG  SD   sing N N 206 
MET CG  HG2  sing N N 207 
MET CG  HG3  sing N N 208 
MET SD  CE   sing N N 209 
MET CE  HE1  sing N N 210 
MET CE  HE2  sing N N 211 
MET CE  HE3  sing N N 212 
MET OXT HXT  sing N N 213 
PRO N   CA   sing N N 214 
PRO N   CD   sing N N 215 
PRO N   H    sing N N 216 
PRO CA  C    sing N N 217 
PRO CA  CB   sing N N 218 
PRO CA  HA   sing N N 219 
PRO C   O    doub N N 220 
PRO C   OXT  sing N N 221 
PRO CB  CG   sing N N 222 
PRO CB  HB2  sing N N 223 
PRO CB  HB3  sing N N 224 
PRO CG  CD   sing N N 225 
PRO CG  HG2  sing N N 226 
PRO CG  HG3  sing N N 227 
PRO CD  HD2  sing N N 228 
PRO CD  HD3  sing N N 229 
PRO OXT HXT  sing N N 230 
SER N   CA   sing N N 231 
SER N   H    sing N N 232 
SER N   H2   sing N N 233 
SER CA  C    sing N N 234 
SER CA  CB   sing N N 235 
SER CA  HA   sing N N 236 
SER C   O    doub N N 237 
SER C   OXT  sing N N 238 
SER CB  OG   sing N N 239 
SER CB  HB2  sing N N 240 
SER CB  HB3  sing N N 241 
SER OG  HG   sing N N 242 
SER OXT HXT  sing N N 243 
TYR N   CA   sing N N 244 
TYR N   H    sing N N 245 
TYR N   H2   sing N N 246 
TYR CA  C    sing N N 247 
TYR CA  CB   sing N N 248 
TYR CA  HA   sing N N 249 
TYR C   O    doub N N 250 
TYR C   OXT  sing N N 251 
TYR CB  CG   sing N N 252 
TYR CB  HB2  sing N N 253 
TYR CB  HB3  sing N N 254 
TYR CG  CD1  doub Y N 255 
TYR CG  CD2  sing Y N 256 
TYR CD1 CE1  sing Y N 257 
TYR CD1 HD1  sing N N 258 
TYR CD2 CE2  doub Y N 259 
TYR CD2 HD2  sing N N 260 
TYR CE1 CZ   doub Y N 261 
TYR CE1 HE1  sing N N 262 
TYR CE2 CZ   sing Y N 263 
TYR CE2 HE2  sing N N 264 
TYR CZ  OH   sing N N 265 
TYR OH  HH   sing N N 266 
TYR OXT HXT  sing N N 267 
VAL N   CA   sing N N 268 
VAL N   H    sing N N 269 
VAL N   H2   sing N N 270 
VAL CA  C    sing N N 271 
VAL CA  CB   sing N N 272 
VAL CA  HA   sing N N 273 
VAL C   O    doub N N 274 
VAL C   OXT  sing N N 275 
VAL CB  CG1  sing N N 276 
VAL CB  CG2  sing N N 277 
VAL CB  HB   sing N N 278 
VAL CG1 HG11 sing N N 279 
VAL CG1 HG12 sing N N 280 
VAL CG1 HG13 sing N N 281 
VAL CG2 HG21 sing N N 282 
VAL CG2 HG22 sing N N 283 
VAL CG2 HG23 sing N N 284 
VAL OXT HXT  sing N N 285 
# 
_atom_sites.entry_id                    1DFE 
_atom_sites.fract_transf_matrix[1][1]   1.000000 
_atom_sites.fract_transf_matrix[1][2]   0.000000 
_atom_sites.fract_transf_matrix[1][3]   0.000000 
_atom_sites.fract_transf_matrix[2][1]   0.000000 
_atom_sites.fract_transf_matrix[2][2]   1.000000 
_atom_sites.fract_transf_matrix[2][3]   0.000000 
_atom_sites.fract_transf_matrix[3][1]   0.000000 
_atom_sites.fract_transf_matrix[3][2]   0.000000 
_atom_sites.fract_transf_matrix[3][3]   1.000000 
_atom_sites.fract_transf_vector[1]      0.00000 
_atom_sites.fract_transf_vector[2]      0.00000 
_atom_sites.fract_transf_vector[3]      0.00000 
# 
loop_
_atom_type.symbol 
C  
H  
N  
O  
S  
ZN 
# 
loop_
_atom_site.group_PDB 
_atom_site.id 
_atom_site.type_symbol 
_atom_site.label_atom_id 
_atom_site.label_alt_id 
_atom_site.label_comp_id 
_atom_site.label_asym_id 
_atom_site.label_entity_id 
_atom_site.label_seq_id 
_atom_site.pdbx_PDB_ins_code 
_atom_site.Cartn_x 
_atom_site.Cartn_y 
_atom_site.Cartn_z 
_atom_site.occupancy 
_atom_site.B_iso_or_equiv 
_atom_site.pdbx_formal_charge 
_atom_site.auth_seq_id 
_atom_site.auth_comp_id 
_atom_site.auth_asym_id 
_atom_site.auth_atom_id 
_atom_site.pdbx_PDB_model_num 
ATOM   1   N  N    . MET A 1 1  ? 14.590  2.330   -3.714  1.00 8.52  ? 1  MET A N    1 
ATOM   2   C  CA   . MET A 1 1  ? 14.019  1.650   -2.515  1.00 7.53  ? 1  MET A CA   1 
ATOM   3   C  C    . MET A 1 1  ? 13.274  0.378   -2.935  1.00 7.12  ? 1  MET A C    1 
ATOM   4   O  O    . MET A 1 1  ? 12.356  0.424   -3.730  1.00 7.06  ? 1  MET A O    1 
ATOM   5   C  CB   . MET A 1 1  ? 13.049  2.667   -1.907  1.00 6.82  ? 1  MET A CB   1 
ATOM   6   C  CG   . MET A 1 1  ? 12.558  2.159   -0.548  1.00 6.30  ? 1  MET A CG   1 
ATOM   7   S  SD   . MET A 1 1  ? 11.472  3.398   0.202   1.00 5.68  ? 1  MET A SD   1 
ATOM   8   C  CE   . MET A 1 1  ? 9.906   2.753   -0.434  1.00 4.65  ? 1  MET A CE   1 
ATOM   9   H  H1   . MET A 1 1  ? 15.027  3.228   -3.428  1.00 8.94  ? 1  MET A H1   1 
ATOM   10  H  H2   . MET A 1 1  ? 13.831  2.514   -4.401  1.00 8.82  ? 1  MET A H2   1 
ATOM   11  H  H3   . MET A 1 1  ? 15.312  1.719   -4.148  1.00 8.70  ? 1  MET A H3   1 
ATOM   12  H  HA   . MET A 1 1  ? 14.798  1.415   -1.808  1.00 7.77  ? 1  MET A HA   1 
ATOM   13  H  HB2  . MET A 1 1  ? 13.555  3.612   -1.776  1.00 7.10  ? 1  MET A HB2  1 
ATOM   14  H  HB3  . MET A 1 1  ? 12.203  2.797   -2.566  1.00 6.66  ? 1  MET A HB3  1 
ATOM   15  H  HG2  . MET A 1 1  ? 12.013  1.236   -0.684  1.00 6.23  ? 1  MET A HG2  1 
ATOM   16  H  HG3  . MET A 1 1  ? 13.404  1.984   0.099   1.00 6.73  ? 1  MET A HG3  1 
ATOM   17  H  HE1  . MET A 1 1  ? 9.434   2.143   0.323   1.00 4.70  ? 1  MET A HE1  1 
ATOM   18  H  HE2  . MET A 1 1  ? 10.090  2.153   -1.311  1.00 4.46  ? 1  MET A HE2  1 
ATOM   19  H  HE3  . MET A 1 1  ? 9.256   3.577   -0.694  1.00 4.64  ? 1  MET A HE3  1 
ATOM   20  N  N    . LYS A 1 2  ? 13.662  -0.751  -2.402  1.00 7.03  ? 2  LYS A N    1 
ATOM   21  C  CA   . LYS A 1 2  ? 12.978  -2.030  -2.763  1.00 6.72  ? 2  LYS A CA   1 
ATOM   22  C  C    . LYS A 1 2  ? 12.971  -2.975  -1.561  1.00 5.84  ? 2  LYS A C    1 
ATOM   23  O  O    . LYS A 1 2  ? 13.965  -3.136  -0.879  1.00 6.13  ? 2  LYS A O    1 
ATOM   24  C  CB   . LYS A 1 2  ? 13.806  -2.626  -3.902  1.00 7.60  ? 2  LYS A CB   1 
ATOM   25  C  CG   . LYS A 1 2  ? 12.957  -3.631  -4.690  1.00 8.35  ? 2  LYS A CG   1 
ATOM   26  C  CD   . LYS A 1 2  ? 13.837  -4.797  -5.152  1.00 9.09  ? 2  LYS A CD   1 
ATOM   27  C  CE   . LYS A 1 2  ? 13.911  -5.857  -4.048  1.00 9.80  ? 2  LYS A CE   1 
ATOM   28  N  NZ   . LYS A 1 2  ? 14.987  -6.792  -4.483  1.00 10.57 ? 2  LYS A NZ   1 
ATOM   29  H  H    . LYS A 1 2  ? 14.403  -0.760  -1.761  1.00 7.30  ? 2  LYS A H    1 
ATOM   30  H  HA   . LYS A 1 2  ? 11.971  -1.838  -3.098  1.00 6.74  ? 2  LYS A HA   1 
ATOM   31  H  HB2  . LYS A 1 2  ? 14.134  -1.836  -4.561  1.00 7.87  ? 2  LYS A HB2  1 
ATOM   32  H  HB3  . LYS A 1 2  ? 14.666  -3.131  -3.490  1.00 7.65  ? 2  LYS A HB3  1 
ATOM   33  H  HG2  . LYS A 1 2  ? 12.163  -4.005  -4.060  1.00 8.38  ? 2  LYS A HG2  1 
ATOM   34  H  HG3  . LYS A 1 2  ? 12.530  -3.141  -5.552  1.00 8.60  ? 2  LYS A HG3  1 
ATOM   35  H  HD2  . LYS A 1 2  ? 13.411  -5.235  -6.044  1.00 9.38  ? 2  LYS A HD2  1 
ATOM   36  H  HD3  . LYS A 1 2  ? 14.830  -4.434  -5.369  1.00 9.07  ? 2  LYS A HD3  1 
ATOM   37  H  HE2  . LYS A 1 2  ? 14.168  -5.397  -3.103  1.00 9.84  ? 2  LYS A HE2  1 
ATOM   38  H  HE3  . LYS A 1 2  ? 12.973  -6.384  -3.968  1.00 9.94  ? 2  LYS A HE3  1 
ATOM   39  H  HZ1  . LYS A 1 2  ? 14.582  -7.525  -5.098  1.00 10.90 ? 2  LYS A HZ1  1 
ATOM   40  H  HZ2  . LYS A 1 2  ? 15.416  -7.239  -3.645  1.00 10.72 ? 2  LYS A HZ2  1 
ATOM   41  H  HZ3  . LYS A 1 2  ? 15.715  -6.266  -5.005  1.00 10.82 ? 2  LYS A HZ3  1 
ATOM   42  N  N    . VAL A 1 3  ? 11.855  -3.598  -1.302  1.00 5.01  ? 3  VAL A N    1 
ATOM   43  C  CA   . VAL A 1 3  ? 11.758  -4.539  -0.145  1.00 4.31  ? 3  VAL A CA   1 
ATOM   44  C  C    . VAL A 1 3  ? 10.906  -5.752  -0.529  1.00 3.99  ? 3  VAL A C    1 
ATOM   45  O  O    . VAL A 1 3  ? 10.117  -5.699  -1.454  1.00 4.40  ? 3  VAL A O    1 
ATOM   46  C  CB   . VAL A 1 3  ? 11.072  -3.734  0.964   1.00 3.80  ? 3  VAL A CB   1 
ATOM   47  C  CG1  . VAL A 1 3  ? 10.954  -4.589  2.230   1.00 3.71  ? 3  VAL A CG1  1 
ATOM   48  C  CG2  . VAL A 1 3  ? 11.895  -2.478  1.272   1.00 4.14  ? 3  VAL A CG2  1 
ATOM   49  H  H    . VAL A 1 3  ? 11.074  -3.446  -1.871  1.00 5.07  ? 3  VAL A H    1 
ATOM   50  H  HA   . VAL A 1 3  ? 12.739  -4.852  0.175   1.00 4.74  ? 3  VAL A HA   1 
ATOM   51  H  HB   . VAL A 1 3  ? 10.083  -3.445  0.637   1.00 3.86  ? 3  VAL A HB   1 
ATOM   52  H  HG11 . VAL A 1 3  ? 10.676  -3.961  3.064   1.00 3.96  ? 3  VAL A HG11 1 
ATOM   53  H  HG12 . VAL A 1 3  ? 11.904  -5.061  2.437   1.00 3.85  ? 3  VAL A HG12 1 
ATOM   54  H  HG13 . VAL A 1 3  ? 10.200  -5.347  2.084   1.00 3.92  ? 3  VAL A HG13 1 
ATOM   55  H  HG21 . VAL A 1 3  ? 11.883  -1.822  0.414   1.00 4.45  ? 3  VAL A HG21 1 
ATOM   56  H  HG22 . VAL A 1 3  ? 12.912  -2.760  1.496   1.00 4.40  ? 3  VAL A HG22 1 
ATOM   57  H  HG23 . VAL A 1 3  ? 11.468  -1.968  2.122   1.00 4.30  ? 3  VAL A HG23 1 
ATOM   58  N  N    . ARG A 1 4  ? 11.050  -6.842  0.180   1.00 3.59  ? 4  ARG A N    1 
ATOM   59  C  CA   . ARG A 1 4  ? 10.240  -8.056  -0.135  1.00 3.40  ? 4  ARG A CA   1 
ATOM   60  C  C    . ARG A 1 4  ? 8.807   -7.870  0.374   1.00 2.50  ? 4  ARG A C    1 
ATOM   61  O  O    . ARG A 1 4  ? 8.303   -8.662  1.148   1.00 2.68  ? 4  ARG A O    1 
ATOM   62  C  CB   . ARG A 1 4  ? 10.932  -9.204  0.604   1.00 4.01  ? 4  ARG A CB   1 
ATOM   63  C  CG   . ARG A 1 4  ? 10.432  -10.542 0.047   1.00 4.67  ? 4  ARG A CG   1 
ATOM   64  C  CD   . ARG A 1 4  ? 11.516  -11.609 0.216   1.00 5.14  ? 4  ARG A CD   1 
ATOM   65  N  NE   . ARG A 1 4  ? 11.489  -11.959 1.666   1.00 5.77  ? 4  ARG A NE   1 
ATOM   66  C  CZ   . ARG A 1 4  ? 12.171  -12.983 2.110   1.00 6.43  ? 4  ARG A CZ   1 
ATOM   67  N  NH1  . ARG A 1 4  ? 12.892  -13.700 1.290   1.00 6.64  ? 4  ARG A NH1  1 
ATOM   68  N  NH2  . ARG A 1 4  ? 12.131  -13.289 3.378   1.00 7.15  ? 4  ARG A NH2  1 
ATOM   69  H  H    . ARG A 1 4  ? 11.686  -6.859  0.926   1.00 3.66  ? 4  ARG A H    1 
ATOM   70  H  HA   . ARG A 1 4  ? 10.243  -8.247  -1.196  1.00 3.86  ? 4  ARG A HA   1 
ATOM   71  H  HB2  . ARG A 1 4  ? 12.001  -9.130  0.464   1.00 4.47  ? 4  ARG A HB2  1 
ATOM   72  H  HB3  . ARG A 1 4  ? 10.701  -9.148  1.658   1.00 3.91  ? 4  ARG A HB3  1 
ATOM   73  H  HG2  . ARG A 1 4  ? 9.542   -10.844 0.579   1.00 4.93  ? 4  ARG A HG2  1 
ATOM   74  H  HG3  . ARG A 1 4  ? 10.203  -10.432 -1.003  1.00 5.01  ? 4  ARG A HG3  1 
ATOM   75  H  HD2  . ARG A 1 4  ? 11.284  -12.474 -0.388  1.00 5.16  ? 4  ARG A HD2  1 
ATOM   76  H  HD3  . ARG A 1 4  ? 12.481  -11.209 -0.051  1.00 5.42  ? 4  ARG A HD3  1 
ATOM   77  H  HE   . ARG A 1 4  ? 10.955  -11.422 2.288   1.00 5.89  ? 4  ARG A HE   1 
ATOM   78  H  HH11 . ARG A 1 4  ? 12.924  -13.468 0.319   1.00 6.31  ? 4  ARG A HH11 1 
ATOM   79  H  HH12 . ARG A 1 4  ? 13.411  -14.482 1.634   1.00 7.28  ? 4  ARG A HH12 1 
ATOM   80  H  HH21 . ARG A 1 4  ? 11.581  -12.741 4.009   1.00 7.26  ? 4  ARG A HH21 1 
ATOM   81  H  HH22 . ARG A 1 4  ? 12.650  -14.072 3.720   1.00 7.72  ? 4  ARG A HH22 1 
ATOM   82  N  N    . ALA A 1 5  ? 8.154   -6.821  -0.051  1.00 2.11  ? 5  ALA A N    1 
ATOM   83  C  CA   . ALA A 1 5  ? 6.756   -6.566  0.406   1.00 1.80  ? 5  ALA A CA   1 
ATOM   84  C  C    . ALA A 1 5  ? 5.854   -6.262  -0.793  1.00 1.68  ? 5  ALA A C    1 
ATOM   85  O  O    . ALA A 1 5  ? 6.192   -5.468  -1.649  1.00 2.03  ? 5  ALA A O    1 
ATOM   86  C  CB   . ALA A 1 5  ? 6.858   -5.343  1.320   1.00 2.59  ? 5  ALA A CB   1 
ATOM   87  H  H    . ALA A 1 5  ? 8.586   -6.196  -0.670  1.00 2.53  ? 5  ALA A H    1 
ATOM   88  H  HA   . ALA A 1 5  ? 6.376   -7.409  0.960   1.00 2.05  ? 5  ALA A HA   1 
ATOM   89  H  HB1  . ALA A 1 5  ? 7.435   -5.597  2.196   1.00 3.01  ? 5  ALA A HB1  1 
ATOM   90  H  HB2  . ALA A 1 5  ? 5.868   -5.034  1.618   1.00 3.04  ? 5  ALA A HB2  1 
ATOM   91  H  HB3  . ALA A 1 5  ? 7.343   -4.537  0.790   1.00 3.03  ? 5  ALA A HB3  1 
ATOM   92  N  N    . SER A 1 6  ? 4.703   -6.880  -0.849  1.00 1.58  ? 6  SER A N    1 
ATOM   93  C  CA   . SER A 1 6  ? 3.762   -6.628  -1.978  1.00 1.76  ? 6  SER A CA   1 
ATOM   94  C  C    . SER A 1 6  ? 2.441   -6.109  -1.412  1.00 1.29  ? 6  SER A C    1 
ATOM   95  O  O    . SER A 1 6  ? 1.423   -6.773  -1.468  1.00 1.47  ? 6  SER A O    1 
ATOM   96  C  CB   . SER A 1 6  ? 3.574   -7.988  -2.653  1.00 2.48  ? 6  SER A CB   1 
ATOM   97  O  OG   . SER A 1 6  ? 4.846   -8.582  -2.880  1.00 2.87  ? 6  SER A OG   1 
ATOM   98  H  H    . SER A 1 6  ? 4.449   -7.505  -0.139  1.00 1.68  ? 6  SER A H    1 
ATOM   99  H  HA   . SER A 1 6  ? 4.181   -5.919  -2.675  1.00 2.02  ? 6  SER A HA   1 
ATOM   100 H  HB2  . SER A 1 6  ? 2.993   -8.633  -2.015  1.00 2.88  ? 6  SER A HB2  1 
ATOM   101 H  HB3  . SER A 1 6  ? 3.055   -7.854  -3.593  1.00 2.91  ? 6  SER A HB3  1 
ATOM   102 H  HG   . SER A 1 6  ? 4.809   -9.053  -3.717  1.00 3.24  ? 6  SER A HG   1 
ATOM   103 N  N    . VAL A 1 7  ? 2.463   -4.931  -0.844  1.00 0.92  ? 7  VAL A N    1 
ATOM   104 C  CA   . VAL A 1 7  ? 1.223   -4.358  -0.244  1.00 0.56  ? 7  VAL A CA   1 
ATOM   105 C  C    . VAL A 1 7  ? 0.037   -4.492  -1.198  1.00 0.56  ? 7  VAL A C    1 
ATOM   106 O  O    . VAL A 1 7  ? -0.014  -3.885  -2.250  1.00 1.25  ? 7  VAL A O    1 
ATOM   107 C  CB   . VAL A 1 7  ? 1.533   -2.886  0.025   1.00 0.74  ? 7  VAL A CB   1 
ATOM   108 C  CG1  . VAL A 1 7  ? 2.715   -2.778  0.991   1.00 1.77  ? 7  VAL A CG1  1 
ATOM   109 C  CG2  . VAL A 1 7  ? 1.864   -2.164  -1.291  1.00 1.08  ? 7  VAL A CG2  1 
ATOM   110 H  H    . VAL A 1 7  ? 3.302   -4.428  -0.800  1.00 1.13  ? 7  VAL A H    1 
ATOM   111 H  HA   . VAL A 1 7  ? 1.002   -4.851  0.690   1.00 0.69  ? 7  VAL A HA   1 
ATOM   112 H  HB   . VAL A 1 7  ? 0.669   -2.431  0.479   1.00 1.55  ? 7  VAL A HB   1 
ATOM   113 H  HG11 . VAL A 1 7  ? 2.515   -2.002  1.714   1.00 2.23  ? 7  VAL A HG11 1 
ATOM   114 H  HG12 . VAL A 1 7  ? 3.612   -2.538  0.441   1.00 2.32  ? 7  VAL A HG12 1 
ATOM   115 H  HG13 . VAL A 1 7  ? 2.847   -3.719  1.504   1.00 2.38  ? 7  VAL A HG13 1 
ATOM   116 H  HG21 . VAL A 1 7  ? 2.409   -1.258  -1.077  1.00 1.68  ? 7  VAL A HG21 1 
ATOM   117 H  HG22 . VAL A 1 7  ? 0.946   -1.916  -1.808  1.00 1.63  ? 7  VAL A HG22 1 
ATOM   118 H  HG23 . VAL A 1 7  ? 2.465   -2.807  -1.916  1.00 1.67  ? 7  VAL A HG23 1 
ATOM   119 N  N    . LYS A 1 8  ? -0.920  -5.283  -0.819  1.00 0.58  ? 8  LYS A N    1 
ATOM   120 C  CA   . LYS A 1 8  ? -2.131  -5.471  -1.669  1.00 0.54  ? 8  LYS A CA   1 
ATOM   121 C  C    . LYS A 1 8  ? -3.358  -4.969  -0.908  1.00 0.45  ? 8  LYS A C    1 
ATOM   122 O  O    . LYS A 1 8  ? -3.383  -4.979  0.308   1.00 0.51  ? 8  LYS A O    1 
ATOM   123 C  CB   . LYS A 1 8  ? -2.224  -6.980  -1.925  1.00 0.69  ? 8  LYS A CB   1 
ATOM   124 C  CG   . LYS A 1 8  ? -2.197  -7.747  -0.597  1.00 1.13  ? 8  LYS A CG   1 
ATOM   125 C  CD   . LYS A 1 8  ? -2.440  -9.235  -0.863  1.00 1.60  ? 8  LYS A CD   1 
ATOM   126 C  CE   . LYS A 1 8  ? -2.332  -10.017 0.449   1.00 2.18  ? 8  LYS A CE   1 
ATOM   127 N  NZ   . LYS A 1 8  ? -2.624  -11.432 0.080   1.00 2.45  ? 8  LYS A NZ   1 
ATOM   128 H  H    . LYS A 1 8  ? -0.845  -5.747  0.039   1.00 1.13  ? 8  LYS A H    1 
ATOM   129 H  HA   . LYS A 1 8  ? -2.025  -4.942  -2.604  1.00 0.59  ? 8  LYS A HA   1 
ATOM   130 H  HB2  . LYS A 1 8  ? -3.145  -7.197  -2.446  1.00 1.04  ? 8  LYS A HB2  1 
ATOM   131 H  HB3  . LYS A 1 8  ? -1.387  -7.291  -2.534  1.00 1.14  ? 8  LYS A HB3  1 
ATOM   132 H  HG2  . LYS A 1 8  ? -1.233  -7.615  -0.126  1.00 1.63  ? 8  LYS A HG2  1 
ATOM   133 H  HG3  . LYS A 1 8  ? -2.971  -7.368  0.054   1.00 1.53  ? 8  LYS A HG3  1 
ATOM   134 H  HD2  . LYS A 1 8  ? -3.426  -9.368  -1.283  1.00 2.00  ? 8  LYS A HD2  1 
ATOM   135 H  HD3  . LYS A 1 8  ? -1.700  -9.600  -1.560  1.00 2.06  ? 8  LYS A HD3  1 
ATOM   136 H  HE2  . LYS A 1 8  ? -1.334  -9.931  0.857   1.00 2.71  ? 8  LYS A HE2  1 
ATOM   137 H  HE3  . LYS A 1 8  ? -3.062  -9.663  1.161   1.00 2.63  ? 8  LYS A HE3  1 
ATOM   138 H  HZ1  . LYS A 1 8  ? -2.478  -12.043 0.908   1.00 2.85  ? 8  LYS A HZ1  1 
ATOM   139 H  HZ2  . LYS A 1 8  ? -1.988  -11.729 -0.688  1.00 2.74  ? 8  LYS A HZ2  1 
ATOM   140 H  HZ3  . LYS A 1 8  ? -3.611  -11.511 -0.236  1.00 2.69  ? 8  LYS A HZ3  1 
ATOM   141 N  N    . ARG A 1 9  ? -4.373  -4.524  -1.602  1.00 0.49  ? 9  ARG A N    1 
ATOM   142 C  CA   . ARG A 1 9  ? -5.582  -4.022  -0.886  1.00 0.47  ? 9  ARG A CA   1 
ATOM   143 C  C    . ARG A 1 9  ? -6.147  -5.133  -0.001  1.00 0.44  ? 9  ARG A C    1 
ATOM   144 O  O    . ARG A 1 9  ? -6.044  -6.303  -0.313  1.00 0.59  ? 9  ARG A O    1 
ATOM   145 C  CB   . ARG A 1 9  ? -6.599  -3.637  -1.964  1.00 0.62  ? 9  ARG A CB   1 
ATOM   146 C  CG   . ARG A 1 9  ? -5.905  -2.913  -3.128  1.00 0.98  ? 9  ARG A CG   1 
ATOM   147 C  CD   . ARG A 1 9  ? -6.021  -3.755  -4.403  1.00 1.16  ? 9  ARG A CD   1 
ATOM   148 N  NE   . ARG A 1 9  ? -7.480  -3.787  -4.714  1.00 1.49  ? 9  ARG A NE   1 
ATOM   149 C  CZ   . ARG A 1 9  ? -7.915  -4.416  -5.775  1.00 1.93  ? 9  ARG A CZ   1 
ATOM   150 N  NH1  . ARG A 1 9  ? -7.075  -5.022  -6.571  1.00 2.27  ? 9  ARG A NH1  1 
ATOM   151 N  NH2  . ARG A 1 9  ? -9.193  -4.438  -6.039  1.00 2.71  ? 9  ARG A NH2  1 
ATOM   152 H  H    . ARG A 1 9  ? -4.337  -4.517  -2.581  1.00 0.64  ? 9  ARG A H    1 
ATOM   153 H  HA   . ARG A 1 9  ? -5.329  -3.156  -0.292  1.00 0.48  ? 9  ARG A HA   1 
ATOM   154 H  HB2  . ARG A 1 9  ? -7.083  -4.529  -2.325  1.00 1.21  ? 9  ARG A HB2  1 
ATOM   155 H  HB3  . ARG A 1 9  ? -7.341  -2.982  -1.531  1.00 1.20  ? 9  ARG A HB3  1 
ATOM   156 H  HG2  . ARG A 1 9  ? -6.381  -1.955  -3.288  1.00 1.63  ? 9  ARG A HG2  1 
ATOM   157 H  HG3  . ARG A 1 9  ? -4.863  -2.760  -2.894  1.00 1.66  ? 9  ARG A HG3  1 
ATOM   158 H  HD2  . ARG A 1 9  ? -5.471  -3.289  -5.210  1.00 1.72  ? 9  ARG A HD2  1 
ATOM   159 H  HD3  . ARG A 1 9  ? -5.658  -4.757  -4.227  1.00 1.78  ? 9  ARG A HD3  1 
ATOM   160 H  HE   . ARG A 1 9  ? -8.114  -3.333  -4.120  1.00 2.03  ? 9  ARG A HE   1 
ATOM   161 H  HH11 . ARG A 1 9  ? -6.096  -5.007  -6.369  1.00 2.36  ? 9  ARG A HH11 1 
ATOM   162 H  HH12 . ARG A 1 9  ? -7.412  -5.502  -7.381  1.00 2.85  ? 9  ARG A HH12 1 
ATOM   163 H  HH21 . ARG A 1 9  ? -9.838  -3.975  -5.430  1.00 3.16  ? 9  ARG A HH21 1 
ATOM   164 H  HH22 . ARG A 1 9  ? -9.529  -4.918  -6.849  1.00 3.11  ? 9  ARG A HH22 1 
ATOM   165 N  N    . ILE A 1 10 ? -6.736  -4.772  1.101   1.00 0.43  ? 10 ILE A N    1 
ATOM   166 C  CA   . ILE A 1 10 ? -7.308  -5.790  2.023   1.00 0.43  ? 10 ILE A CA   1 
ATOM   167 C  C    . ILE A 1 10 ? -8.836  -5.735  1.987   1.00 0.46  ? 10 ILE A C    1 
ATOM   168 O  O    . ILE A 1 10 ? -9.490  -6.697  1.634   1.00 0.75  ? 10 ILE A O    1 
ATOM   169 C  CB   . ILE A 1 10 ? -6.771  -5.404  3.396   1.00 0.42  ? 10 ILE A CB   1 
ATOM   170 C  CG1  . ILE A 1 10 ? -5.268  -5.691  3.428   1.00 0.50  ? 10 ILE A CG1  1 
ATOM   171 C  CG2  . ILE A 1 10 ? -7.481  -6.223  4.477   1.00 0.48  ? 10 ILE A CG2  1 
ATOM   172 C  CD1  . ILE A 1 10 ? -4.689  -5.258  4.771   1.00 0.67  ? 10 ILE A CD1  1 
ATOM   173 H  H    . ILE A 1 10 ? -6.801  -3.827  1.325   1.00 0.57  ? 10 ILE A H    1 
ATOM   174 H  HA   . ILE A 1 10 ? -6.957  -6.776  1.764   1.00 0.48  ? 10 ILE A HA   1 
ATOM   175 H  HB   . ILE A 1 10 ? -6.944  -4.352  3.570   1.00 0.41  ? 10 ILE A HB   1 
ATOM   176 H  HG12 . ILE A 1 10 ? -5.101  -6.750  3.289   1.00 0.64  ? 10 ILE A HG12 1 
ATOM   177 H  HG13 . ILE A 1 10 ? -4.782  -5.142  2.635   1.00 0.66  ? 10 ILE A HG13 1 
ATOM   178 H  HG21 . ILE A 1 10 ? -7.052  -5.996  5.441   1.00 1.19  ? 10 ILE A HG21 1 
ATOM   179 H  HG22 . ILE A 1 10 ? -7.361  -7.276  4.267   1.00 1.09  ? 10 ILE A HG22 1 
ATOM   180 H  HG23 . ILE A 1 10 ? -8.531  -5.975  4.483   1.00 1.10  ? 10 ILE A HG23 1 
ATOM   181 H  HD11 . ILE A 1 10 ? -5.216  -5.761  5.566   1.00 1.25  ? 10 ILE A HD11 1 
ATOM   182 H  HD12 . ILE A 1 10 ? -4.800  -4.192  4.881   1.00 1.34  ? 10 ILE A HD12 1 
ATOM   183 H  HD13 . ILE A 1 10 ? -3.642  -5.519  4.811   1.00 1.21  ? 10 ILE A HD13 1 
ATOM   184 N  N    . CYS A 1 11 ? -9.410  -4.613  2.343   1.00 0.43  ? 11 CYS A N    1 
ATOM   185 C  CA   . CYS A 1 11 ? -10.897 -4.500  2.320   1.00 0.46  ? 11 CYS A CA   1 
ATOM   186 C  C    . CYS A 1 11 ? -11.341 -3.582  1.179   1.00 0.50  ? 11 CYS A C    1 
ATOM   187 O  O    . CYS A 1 11 ? -10.571 -3.254  0.296   1.00 0.80  ? 11 CYS A O    1 
ATOM   188 C  CB   . CYS A 1 11 ? -11.295 -3.932  3.688   1.00 0.52  ? 11 CYS A CB   1 
ATOM   189 S  SG   . CYS A 1 11 ? -11.143 -2.127  3.706   1.00 0.61  ? 11 CYS A SG   1 
ATOM   190 H  H    . CYS A 1 11 ? -8.863  -3.850  2.618   1.00 0.61  ? 11 CYS A H    1 
ATOM   191 H  HA   . CYS A 1 11 ? -11.338 -5.476  2.194   1.00 0.53  ? 11 CYS A HA   1 
ATOM   192 H  HB2  . CYS A 1 11 ? -12.320 -4.202  3.898   1.00 0.60  ? 11 CYS A HB2  1 
ATOM   193 H  HB3  . CYS A 1 11 ? -10.659 -4.354  4.444   1.00 0.54  ? 11 CYS A HB3  1 
ATOM   194 N  N    . ASP A 1 12 ? -12.581 -3.189  1.181   1.00 0.46  ? 12 ASP A N    1 
ATOM   195 C  CA   . ASP A 1 12 ? -13.107 -2.317  0.083   1.00 0.52  ? 12 ASP A CA   1 
ATOM   196 C  C    . ASP A 1 12 ? -12.790 -0.839  0.334   1.00 0.46  ? 12 ASP A C    1 
ATOM   197 O  O    . ASP A 1 12 ? -13.457 0.036   -0.185  1.00 0.81  ? 12 ASP A O    1 
ATOM   198 C  CB   . ASP A 1 12 ? -14.619 -2.537  0.109   1.00 0.71  ? 12 ASP A CB   1 
ATOM   199 C  CG   . ASP A 1 12 ? -14.924 -4.026  0.301   1.00 1.48  ? 12 ASP A CG   1 
ATOM   200 O  OD1  . ASP A 1 12 ? -15.027 -4.446  1.442   1.00 2.07  ? 12 ASP A OD1  1 
ATOM   201 O  OD2  . ASP A 1 12 ? -15.044 -4.719  -0.695  1.00 2.22  ? 12 ASP A OD2  1 
ATOM   202 H  H    . ASP A 1 12 ? -13.181 -3.486  1.900   1.00 0.62  ? 12 ASP A H    1 
ATOM   203 H  HA   . ASP A 1 12 ? -12.711 -2.631  -0.868  1.00 0.67  ? 12 ASP A HA   1 
ATOM   204 H  HB2  . ASP A 1 12 ? -15.046 -1.973  0.926   1.00 1.10  ? 12 ASP A HB2  1 
ATOM   205 H  HB3  . ASP A 1 12 ? -15.047 -2.200  -0.822  1.00 1.02  ? 12 ASP A HB3  1 
ATOM   206 N  N    . LYS A 1 13 ? -11.793 -0.546  1.123   1.00 0.41  ? 13 LYS A N    1 
ATOM   207 C  CA   . LYS A 1 13 ? -11.461 0.886   1.397   1.00 0.54  ? 13 LYS A CA   1 
ATOM   208 C  C    . LYS A 1 13 ? -9.980  1.186   1.132   1.00 0.45  ? 13 LYS A C    1 
ATOM   209 O  O    . LYS A 1 13 ? -9.590  2.335   1.054   1.00 0.56  ? 13 LYS A O    1 
ATOM   210 C  CB   . LYS A 1 13 ? -11.795 1.095   2.877   1.00 0.82  ? 13 LYS A CB   1 
ATOM   211 C  CG   . LYS A 1 13 ? -13.275 1.468   3.023   1.00 1.09  ? 13 LYS A CG   1 
ATOM   212 C  CD   . LYS A 1 13 ? -14.011 0.380   3.812   1.00 1.56  ? 13 LYS A CD   1 
ATOM   213 C  CE   . LYS A 1 13 ? -15.404 0.888   4.203   1.00 1.95  ? 13 LYS A CE   1 
ATOM   214 N  NZ   . LYS A 1 13 ? -16.110 -0.304  4.753   1.00 2.71  ? 13 LYS A NZ   1 
ATOM   215 H  H    . LYS A 1 13 ? -11.274 -1.262  1.536   1.00 0.61  ? 13 LYS A H    1 
ATOM   216 H  HA   . LYS A 1 13 ? -12.079 1.533   0.794   1.00 0.66  ? 13 LYS A HA   1 
ATOM   217 H  HB2  . LYS A 1 13 ? -11.594 0.187   3.423   1.00 1.07  ? 13 LYS A HB2  1 
ATOM   218 H  HB3  . LYS A 1 13 ? -11.186 1.895   3.273   1.00 1.15  ? 13 LYS A HB3  1 
ATOM   219 H  HG2  . LYS A 1 13 ? -13.358 2.410   3.547   1.00 1.68  ? 13 LYS A HG2  1 
ATOM   220 H  HG3  . LYS A 1 13 ? -13.721 1.562   2.044   1.00 1.56  ? 13 LYS A HG3  1 
ATOM   221 H  HD2  . LYS A 1 13 ? -14.107 -0.504  3.200   1.00 1.97  ? 13 LYS A HD2  1 
ATOM   222 H  HD3  . LYS A 1 13 ? -13.453 0.143   4.706   1.00 1.96  ? 13 LYS A HD3  1 
ATOM   223 H  HE2  . LYS A 1 13 ? -15.323 1.661   4.956   1.00 2.28  ? 13 LYS A HE2  1 
ATOM   224 H  HE3  . LYS A 1 13 ? -15.927 1.259   3.335   1.00 2.13  ? 13 LYS A HE3  1 
ATOM   225 H  HZ1  . LYS A 1 13 ? -15.446 -1.100  4.827   1.00 3.12  ? 13 LYS A HZ1  1 
ATOM   226 H  HZ2  . LYS A 1 13 ? -16.894 -0.564  4.119   1.00 3.06  ? 13 LYS A HZ2  1 
ATOM   227 H  HZ3  . LYS A 1 13 ? -16.487 -0.080  5.696   1.00 3.12  ? 13 LYS A HZ3  1 
ATOM   228 N  N    . CYS A 1 14 ? -9.144  0.187   0.994   1.00 0.39  ? 14 CYS A N    1 
ATOM   229 C  CA   . CYS A 1 14 ? -7.699  0.480   0.738   1.00 0.41  ? 14 CYS A CA   1 
ATOM   230 C  C    . CYS A 1 14 ? -7.467  0.796   -0.738  1.00 0.37  ? 14 CYS A C    1 
ATOM   231 O  O    . CYS A 1 14 ? -8.130  0.272   -1.612  1.00 0.59  ? 14 CYS A O    1 
ATOM   232 C  CB   . CYS A 1 14 ? -6.897  -0.766  1.146   1.00 0.65  ? 14 CYS A CB   1 
ATOM   233 S  SG   . CYS A 1 14 ? -7.993  -2.071  1.747   1.00 0.65  ? 14 CYS A SG   1 
ATOM   234 H  H    . CYS A 1 14 ? -9.462  -0.737  1.056   1.00 0.46  ? 14 CYS A H    1 
ATOM   235 H  HA   . CYS A 1 14 ? -7.390  1.318   1.335   1.00 0.51  ? 14 CYS A HA   1 
ATOM   236 H  HB2  . CYS A 1 14 ? -6.351  -1.134  0.288   1.00 1.17  ? 14 CYS A HB2  1 
ATOM   237 H  HB3  . CYS A 1 14 ? -6.194  -0.503  1.925   1.00 1.30  ? 14 CYS A HB3  1 
ATOM   238 N  N    . LYS A 1 15 ? -6.515  1.647   -1.014  1.00 0.35  ? 15 LYS A N    1 
ATOM   239 C  CA   . LYS A 1 15 ? -6.204  2.013   -2.425  1.00 0.45  ? 15 LYS A CA   1 
ATOM   240 C  C    . LYS A 1 15 ? -4.691  1.966   -2.640  1.00 0.40  ? 15 LYS A C    1 
ATOM   241 O  O    . LYS A 1 15 ? -3.932  2.557   -1.894  1.00 0.43  ? 15 LYS A O    1 
ATOM   242 C  CB   . LYS A 1 15 ? -6.725  3.443   -2.593  1.00 0.63  ? 15 LYS A CB   1 
ATOM   243 C  CG   . LYS A 1 15 ? -8.256  3.435   -2.655  1.00 1.13  ? 15 LYS A CG   1 
ATOM   244 C  CD   . LYS A 1 15 ? -8.760  4.831   -3.034  1.00 1.60  ? 15 LYS A CD   1 
ATOM   245 C  CE   . LYS A 1 15 ? -10.281 4.795   -3.216  1.00 2.24  ? 15 LYS A CE   1 
ATOM   246 N  NZ   . LYS A 1 15 ? -10.640 6.149   -3.724  1.00 2.71  ? 15 LYS A NZ   1 
ATOM   247 H  H    . LYS A 1 15 ? -5.995  2.047   -0.284  1.00 0.48  ? 15 LYS A H    1 
ATOM   248 H  HA   . LYS A 1 15 ? -6.707  1.349   -3.111  1.00 0.52  ? 15 LYS A HA   1 
ATOM   249 H  HB2  . LYS A 1 15 ? -6.402  4.044   -1.755  1.00 0.98  ? 15 LYS A HB2  1 
ATOM   250 H  HB3  . LYS A 1 15 ? -6.332  3.862   -3.508  1.00 1.08  ? 15 LYS A HB3  1 
ATOM   251 H  HG2  . LYS A 1 15 ? -8.581  2.718   -3.397  1.00 1.61  ? 15 LYS A HG2  1 
ATOM   252 H  HG3  . LYS A 1 15 ? -8.654  3.160   -1.690  1.00 1.57  ? 15 LYS A HG3  1 
ATOM   253 H  HD2  . LYS A 1 15 ? -8.506  5.529   -2.250  1.00 2.05  ? 15 LYS A HD2  1 
ATOM   254 H  HD3  . LYS A 1 15 ? -8.296  5.142   -3.959  1.00 1.89  ? 15 LYS A HD3  1 
ATOM   255 H  HE2  . LYS A 1 15 ? -10.554 4.036   -3.936  1.00 2.60  ? 15 LYS A HE2  1 
ATOM   256 H  HE3  . LYS A 1 15 ? -10.768 4.612   -2.271  1.00 2.76  ? 15 LYS A HE3  1 
ATOM   257 H  HZ1  . LYS A 1 15 ? -11.628 6.360   -3.476  1.00 2.93  ? 15 LYS A HZ1  1 
ATOM   258 H  HZ2  . LYS A 1 15 ? -10.528 6.173   -4.757  1.00 3.10  ? 15 LYS A HZ2  1 
ATOM   259 H  HZ3  . LYS A 1 15 ? -10.018 6.860   -3.290  1.00 3.11  ? 15 LYS A HZ3  1 
ATOM   260 N  N    . VAL A 1 16 ? -4.248  1.266   -3.651  1.00 0.40  ? 16 VAL A N    1 
ATOM   261 C  CA   . VAL A 1 16 ? -2.784  1.181   -3.919  1.00 0.37  ? 16 VAL A CA   1 
ATOM   262 C  C    . VAL A 1 16 ? -2.334  2.406   -4.728  1.00 0.39  ? 16 VAL A C    1 
ATOM   263 O  O    . VAL A 1 16 ? -2.756  2.610   -5.852  1.00 0.51  ? 16 VAL A O    1 
ATOM   264 C  CB   . VAL A 1 16 ? -2.602  -0.122  -4.711  1.00 0.40  ? 16 VAL A CB   1 
ATOM   265 C  CG1  . VAL A 1 16 ? -1.303  -0.067  -5.520  1.00 0.42  ? 16 VAL A CG1  1 
ATOM   266 C  CG2  . VAL A 1 16 ? -2.542  -1.306  -3.734  1.00 0.46  ? 16 VAL A CG2  1 
ATOM   267 H  H    . VAL A 1 16 ? -4.879  0.797   -4.236  1.00 0.46  ? 16 VAL A H    1 
ATOM   268 H  HA   . VAL A 1 16 ? -2.239  1.124   -2.991  1.00 0.36  ? 16 VAL A HA   1 
ATOM   269 H  HB   . VAL A 1 16 ? -3.437  -0.252  -5.385  1.00 0.45  ? 16 VAL A HB   1 
ATOM   270 H  HG11 . VAL A 1 16 ? -0.953  -1.071  -5.711  1.00 1.12  ? 16 VAL A HG11 1 
ATOM   271 H  HG12 . VAL A 1 16 ? -0.555  0.474   -4.961  1.00 1.07  ? 16 VAL A HG12 1 
ATOM   272 H  HG13 . VAL A 1 16 ? -1.483  0.436   -6.458  1.00 1.11  ? 16 VAL A HG13 1 
ATOM   273 H  HG21 . VAL A 1 16 ? -2.725  -2.225  -4.271  1.00 1.13  ? 16 VAL A HG21 1 
ATOM   274 H  HG22 . VAL A 1 16 ? -3.295  -1.181  -2.968  1.00 1.17  ? 16 VAL A HG22 1 
ATOM   275 H  HG23 . VAL A 1 16 ? -1.563  -1.346  -3.274  1.00 1.06  ? 16 VAL A HG23 1 
ATOM   276 N  N    . ILE A 1 17 ? -1.491  3.228   -4.155  1.00 0.34  ? 17 ILE A N    1 
ATOM   277 C  CA   . ILE A 1 17 ? -1.017  4.452   -4.870  1.00 0.38  ? 17 ILE A CA   1 
ATOM   278 C  C    . ILE A 1 17 ? 0.259   4.146   -5.654  1.00 0.24  ? 17 ILE A C    1 
ATOM   279 O  O    . ILE A 1 17 ? 0.939   3.177   -5.390  1.00 0.34  ? 17 ILE A O    1 
ATOM   280 C  CB   . ILE A 1 17 ? -0.710  5.488   -3.775  1.00 0.54  ? 17 ILE A CB   1 
ATOM   281 C  CG1  . ILE A 1 17 ? -1.654  5.310   -2.574  1.00 0.71  ? 17 ILE A CG1  1 
ATOM   282 C  CG2  . ILE A 1 17 ? -0.876  6.899   -4.344  1.00 0.89  ? 17 ILE A CG2  1 
ATOM   283 C  CD1  . ILE A 1 17 ? -3.107  5.280   -3.044  1.00 1.15  ? 17 ILE A CD1  1 
ATOM   284 H  H    . ILE A 1 17 ? -1.176  3.041   -3.245  1.00 0.34  ? 17 ILE A H    1 
ATOM   285 H  HA   . ILE A 1 17 ? -1.784  4.828   -5.528  1.00 0.49  ? 17 ILE A HA   1 
ATOM   286 H  HB   . ILE A 1 17 ? 0.313   5.359   -3.447  1.00 0.70  ? 17 ILE A HB   1 
ATOM   287 H  HG12 . ILE A 1 17 ? -1.423  4.385   -2.069  1.00 1.42  ? 17 ILE A HG12 1 
ATOM   288 H  HG13 . ILE A 1 17 ? -1.518  6.133   -1.890  1.00 1.39  ? 17 ILE A HG13 1 
ATOM   289 H  HG21 . ILE A 1 17 ? -0.788  7.622   -3.545  1.00 1.48  ? 17 ILE A HG21 1 
ATOM   290 H  HG22 . ILE A 1 17 ? -1.848  6.990   -4.806  1.00 1.38  ? 17 ILE A HG22 1 
ATOM   291 H  HG23 . ILE A 1 17 ? -0.108  7.083   -5.081  1.00 1.41  ? 17 ILE A HG23 1 
ATOM   292 H  HD11 . ILE A 1 17 ? -3.747  5.601   -2.239  1.00 1.75  ? 17 ILE A HD11 1 
ATOM   293 H  HD12 . ILE A 1 17 ? -3.369  4.275   -3.332  1.00 1.73  ? 17 ILE A HD12 1 
ATOM   294 H  HD13 . ILE A 1 17 ? -3.229  5.942   -3.887  1.00 1.75  ? 17 ILE A HD13 1 
ATOM   295 N  N    . ARG A 1 18 ? 0.591   4.977   -6.606  1.00 0.33  ? 18 ARG A N    1 
ATOM   296 C  CA   . ARG A 1 18 ? 1.830   4.754   -7.408  1.00 0.30  ? 18 ARG A CA   1 
ATOM   297 C  C    . ARG A 1 18 ? 2.670   6.034   -7.421  1.00 0.33  ? 18 ARG A C    1 
ATOM   298 O  O    . ARG A 1 18 ? 2.220   7.076   -7.857  1.00 0.43  ? 18 ARG A O    1 
ATOM   299 C  CB   . ARG A 1 18 ? 1.340   4.416   -8.819  1.00 0.46  ? 18 ARG A CB   1 
ATOM   300 C  CG   . ARG A 1 18 ? 0.647   3.047   -8.815  1.00 0.56  ? 18 ARG A CG   1 
ATOM   301 C  CD   . ARG A 1 18 ? 1.637   1.963   -9.257  1.00 1.04  ? 18 ARG A CD   1 
ATOM   302 N  NE   . ARG A 1 18 ? 1.426   1.827   -10.727 1.00 1.60  ? 18 ARG A NE   1 
ATOM   303 C  CZ   . ARG A 1 18 ? 1.986   0.848   -11.386 1.00 2.13  ? 18 ARG A CZ   1 
ATOM   304 N  NH1  . ARG A 1 18 ? 2.742   -0.017  -10.763 1.00 2.39  ? 18 ARG A NH1  1 
ATOM   305 N  NH2  . ARG A 1 18 ? 1.789   0.732   -12.671 1.00 3.02  ? 18 ARG A NH2  1 
ATOM   306 H  H    . ARG A 1 18 ? 0.027   5.757   -6.788  1.00 0.54  ? 18 ARG A H    1 
ATOM   307 H  HA   . ARG A 1 18 ? 2.401   3.931   -7.007  1.00 0.28  ? 18 ARG A HA   1 
ATOM   308 H  HB2  . ARG A 1 18 ? 0.640   5.173   -9.147  1.00 0.58  ? 18 ARG A HB2  1 
ATOM   309 H  HB3  . ARG A 1 18 ? 2.182   4.391   -9.494  1.00 0.53  ? 18 ARG A HB3  1 
ATOM   310 H  HG2  . ARG A 1 18 ? 0.294   2.824   -7.818  1.00 1.02  ? 18 ARG A HG2  1 
ATOM   311 H  HG3  . ARG A 1 18 ? -0.191  3.066   -9.495  1.00 0.95  ? 18 ARG A HG3  1 
ATOM   312 H  HD2  . ARG A 1 18 ? 2.652   2.272   -9.046  1.00 1.71  ? 18 ARG A HD2  1 
ATOM   313 H  HD3  . ARG A 1 18 ? 1.416   1.029   -8.764  1.00 1.67  ? 18 ARG A HD3  1 
ATOM   314 H  HE   . ARG A 1 18 ? 0.863   2.475   -11.201 1.00 2.19  ? 18 ARG A HE   1 
ATOM   315 H  HH11 . ARG A 1 18 ? 2.895   0.070   -9.779  1.00 2.32  ? 18 ARG A HH11 1 
ATOM   316 H  HH12 . ARG A 1 18 ? 3.170   -0.765  -11.270 1.00 3.08  ? 18 ARG A HH12 1 
ATOM   317 H  HH21 . ARG A 1 18 ? 1.212   1.393   -13.150 1.00 3.45  ? 18 ARG A HH21 1 
ATOM   318 H  HH22 . ARG A 1 18 ? 2.217   -0.017  -13.179 1.00 3.52  ? 18 ARG A HH22 1 
ATOM   319 N  N    . ARG A 1 19 ? 3.883   5.963   -6.941  1.00 0.36  ? 19 ARG A N    1 
ATOM   320 C  CA   . ARG A 1 19 ? 4.756   7.174   -6.918  1.00 0.49  ? 19 ARG A CA   1 
ATOM   321 C  C    . ARG A 1 19 ? 6.130   6.849   -7.514  1.00 0.54  ? 19 ARG A C    1 
ATOM   322 O  O    . ARG A 1 19 ? 6.273   5.919   -8.280  1.00 0.58  ? 19 ARG A O    1 
ATOM   323 C  CB   . ARG A 1 19 ? 4.883   7.544   -5.435  1.00 0.67  ? 19 ARG A CB   1 
ATOM   324 C  CG   . ARG A 1 19 ? 5.185   9.042   -5.298  1.00 0.88  ? 19 ARG A CG   1 
ATOM   325 C  CD   . ARG A 1 19 ? 3.910   9.795   -4.904  1.00 1.38  ? 19 ARG A CD   1 
ATOM   326 N  NE   . ARG A 1 19 ? 4.108   11.181  -5.417  1.00 1.80  ? 19 ARG A NE   1 
ATOM   327 C  CZ   . ARG A 1 19 ? 3.263   12.128  -5.099  1.00 2.27  ? 19 ARG A CZ   1 
ATOM   328 N  NH1  . ARG A 1 19 ? 2.239   11.865  -4.331  1.00 2.65  ? 19 ARG A NH1  1 
ATOM   329 N  NH2  . ARG A 1 19 ? 3.443   13.340  -5.550  1.00 2.94  ? 19 ARG A NH2  1 
ATOM   330 H  H    . ARG A 1 19 ? 4.221   5.111   -6.592  1.00 0.37  ? 19 ARG A H    1 
ATOM   331 H  HA   . ARG A 1 19 ? 4.293   7.983   -7.461  1.00 0.60  ? 19 ARG A HA   1 
ATOM   332 H  HB2  . ARG A 1 19 ? 3.956   7.314   -4.929  1.00 0.72  ? 19 ARG A HB2  1 
ATOM   333 H  HB3  . ARG A 1 19 ? 5.685   6.975   -4.990  1.00 0.73  ? 19 ARG A HB3  1 
ATOM   334 H  HG2  . ARG A 1 19 ? 5.937   9.186   -4.536  1.00 1.33  ? 19 ARG A HG2  1 
ATOM   335 H  HG3  . ARG A 1 19 ? 5.550   9.424   -6.239  1.00 1.09  ? 19 ARG A HG3  1 
ATOM   336 H  HD2  . ARG A 1 19 ? 3.046   9.338   -5.369  1.00 1.85  ? 19 ARG A HD2  1 
ATOM   337 H  HD3  . ARG A 1 19 ? 3.799   9.810   -3.831  1.00 1.89  ? 19 ARG A HD3  1 
ATOM   338 H  HE   . ARG A 1 19 ? 4.873   11.384  -5.994  1.00 2.27  ? 19 ARG A HE   1 
ATOM   339 H  HH11 . ARG A 1 19 ? 2.099   10.938  -3.983  1.00 2.59  ? 19 ARG A HH11 1 
ATOM   340 H  HH12 . ARG A 1 19 ? 1.595   12.591  -4.088  1.00 3.33  ? 19 ARG A HH12 1 
ATOM   341 H  HH21 . ARG A 1 19 ? 4.225   13.542  -6.140  1.00 3.23  ? 19 ARG A HH21 1 
ATOM   342 H  HH22 . ARG A 1 19 ? 2.798   14.065  -5.309  1.00 3.43  ? 19 ARG A HH22 1 
ATOM   343 N  N    . HIS A 1 20 ? 7.133   7.618   -7.162  1.00 0.71  ? 20 HIS A N    1 
ATOM   344 C  CA   . HIS A 1 20 ? 8.517   7.388   -7.692  1.00 0.89  ? 20 HIS A CA   1 
ATOM   345 C  C    . HIS A 1 20 ? 8.912   5.912   -7.583  1.00 0.90  ? 20 HIS A C    1 
ATOM   346 O  O    . HIS A 1 20 ? 9.570   5.508   -6.643  1.00 1.64  ? 20 HIS A O    1 
ATOM   347 C  CB   . HIS A 1 20 ? 9.410   8.237   -6.790  1.00 1.04  ? 20 HIS A CB   1 
ATOM   348 C  CG   . HIS A 1 20 ? 9.206   9.694   -7.100  1.00 1.56  ? 20 HIS A CG   1 
ATOM   349 N  ND1  . HIS A 1 20 ? 9.899   10.338  -8.113  1.00 2.17  ? 20 HIS A ND1  1 
ATOM   350 C  CD2  . HIS A 1 20 ? 8.389   10.646  -6.541  1.00 2.23  ? 20 HIS A CD2  1 
ATOM   351 C  CE1  . HIS A 1 20 ? 9.492   11.621  -8.132  1.00 2.75  ? 20 HIS A CE1  1 
ATOM   352 N  NE2  . HIS A 1 20 ? 8.572   11.862  -7.195  1.00 2.88  ? 20 HIS A NE2  1 
ATOM   353 H  H    . HIS A 1 20 ? 6.974   8.359   -6.543  1.00 0.81  ? 20 HIS A H    1 
ATOM   354 H  HA   . HIS A 1 20 ? 8.593   7.728   -8.713  1.00 1.03  ? 20 HIS A HA   1 
ATOM   355 H  HB2  . HIS A 1 20 ? 9.152   8.048   -5.757  1.00 1.20  ? 20 HIS A HB2  1 
ATOM   356 H  HB3  . HIS A 1 20 ? 10.444  7.973   -6.956  1.00 1.31  ? 20 HIS A HB3  1 
ATOM   357 H  HD1  . HIS A 1 20 ? 10.566  9.933   -8.707  1.00 2.46  ? 20 HIS A HD1  1 
ATOM   358 H  HD2  . HIS A 1 20 ? 7.710   10.477  -5.719  1.00 2.57  ? 20 HIS A HD2  1 
ATOM   359 H  HE1  . HIS A 1 20 ? 9.865   12.365  -8.821  1.00 3.34  ? 20 HIS A HE1  1 
ATOM   360 N  N    . GLY A 1 21 ? 8.511   5.104   -8.532  1.00 0.79  ? 21 GLY A N    1 
ATOM   361 C  CA   . GLY A 1 21 ? 8.854   3.652   -8.478  1.00 0.73  ? 21 GLY A CA   1 
ATOM   362 C  C    . GLY A 1 21 ? 8.390   3.073   -7.139  1.00 0.58  ? 21 GLY A C    1 
ATOM   363 O  O    . GLY A 1 21 ? 8.737   1.965   -6.779  1.00 0.68  ? 21 GLY A O    1 
ATOM   364 H  H    . GLY A 1 21 ? 7.977   5.452   -9.276  1.00 1.33  ? 21 GLY A H    1 
ATOM   365 H  HA2  . GLY A 1 21 ? 8.359   3.136   -9.288  1.00 0.80  ? 21 GLY A HA2  1 
ATOM   366 H  HA3  . GLY A 1 21 ? 9.922   3.530   -8.570  1.00 0.82  ? 21 GLY A HA3  1 
ATOM   367 N  N    . ARG A 1 22 ? 7.614   3.823   -6.398  1.00 0.45  ? 22 ARG A N    1 
ATOM   368 C  CA   . ARG A 1 22 ? 7.128   3.334   -5.074  1.00 0.45  ? 22 ARG A CA   1 
ATOM   369 C  C    . ARG A 1 22 ? 5.610   3.168   -5.091  1.00 0.38  ? 22 ARG A C    1 
ATOM   370 O  O    . ARG A 1 22 ? 4.924   3.720   -5.928  1.00 0.51  ? 22 ARG A O    1 
ATOM   371 C  CB   . ARG A 1 22 ? 7.527   4.425   -4.080  1.00 0.65  ? 22 ARG A CB   1 
ATOM   372 C  CG   . ARG A 1 22 ? 9.005   4.276   -3.711  1.00 1.30  ? 22 ARG A CG   1 
ATOM   373 C  CD   . ARG A 1 22 ? 9.579   5.648   -3.343  1.00 1.54  ? 22 ARG A CD   1 
ATOM   374 N  NE   . ARG A 1 22 ? 10.654  5.369   -2.348  1.00 1.76  ? 22 ARG A NE   1 
ATOM   375 C  CZ   . ARG A 1 22 ? 11.478  6.318   -1.984  1.00 2.15  ? 22 ARG A CZ   1 
ATOM   376 N  NH1  . ARG A 1 22 ? 11.368  7.514   -2.498  1.00 2.51  ? 22 ARG A NH1  1 
ATOM   377 N  NH2  . ARG A 1 22 ? 12.410  6.068   -1.106  1.00 2.81  ? 22 ARG A NH2  1 
ATOM   378 H  H    . ARG A 1 22 ? 7.355   4.719   -6.711  1.00 0.49  ? 22 ARG A H    1 
ATOM   379 H  HA   . ARG A 1 22 ? 7.607   2.403   -4.812  1.00 0.52  ? 22 ARG A HA   1 
ATOM   380 H  HB2  . ARG A 1 22 ? 7.362   5.395   -4.526  1.00 1.21  ? 22 ARG A HB2  1 
ATOM   381 H  HB3  . ARG A 1 22 ? 6.926   4.335   -3.187  1.00 1.22  ? 22 ARG A HB3  1 
ATOM   382 H  HG2  . ARG A 1 22 ? 9.097   3.605   -2.870  1.00 1.92  ? 22 ARG A HG2  1 
ATOM   383 H  HG3  . ARG A 1 22 ? 9.548   3.874   -4.553  1.00 1.91  ? 22 ARG A HG3  1 
ATOM   384 H  HD2  . ARG A 1 22 ? 9.992   6.128   -4.221  1.00 1.77  ? 22 ARG A HD2  1 
ATOM   385 H  HD3  . ARG A 1 22 ? 8.816   6.269   -2.898  1.00 2.14  ? 22 ARG A HD3  1 
ATOM   386 H  HE   . ARG A 1 22 ? 10.740  4.472   -1.961  1.00 2.20  ? 22 ARG A HE   1 
ATOM   387 H  HH11 . ARG A 1 22 ? 10.653  7.707   -3.169  1.00 2.51  ? 22 ARG A HH11 1 
ATOM   388 H  HH12 . ARG A 1 22 ? 11.999  8.239   -2.219  1.00 3.14  ? 22 ARG A HH12 1 
ATOM   389 H  HH21 . ARG A 1 22 ? 12.494  5.153   -0.712  1.00 3.12  ? 22 ARG A HH21 1 
ATOM   390 H  HH22 . ARG A 1 22 ? 13.042  6.792   -0.826  1.00 3.28  ? 22 ARG A HH22 1 
ATOM   391 N  N    . VAL A 1 23 ? 5.082   2.417   -4.164  1.00 0.31  ? 23 VAL A N    1 
ATOM   392 C  CA   . VAL A 1 23 ? 3.606   2.213   -4.104  1.00 0.27  ? 23 VAL A CA   1 
ATOM   393 C  C    . VAL A 1 23 ? 3.135   2.333   -2.658  1.00 0.25  ? 23 VAL A C    1 
ATOM   394 O  O    . VAL A 1 23 ? 3.842   1.974   -1.736  1.00 0.33  ? 23 VAL A O    1 
ATOM   395 C  CB   . VAL A 1 23 ? 3.368   0.791   -4.605  1.00 0.32  ? 23 VAL A CB   1 
ATOM   396 C  CG1  . VAL A 1 23 ? 1.876   0.567   -4.859  1.00 0.34  ? 23 VAL A CG1  1 
ATOM   397 C  CG2  . VAL A 1 23 ? 4.150   0.549   -5.902  1.00 0.46  ? 23 VAL A CG2  1 
ATOM   398 H  H    . VAL A 1 23 ? 5.659   1.987   -3.498  1.00 0.41  ? 23 VAL A H    1 
ATOM   399 H  HA   . VAL A 1 23 ? 3.096   2.923   -4.734  1.00 0.28  ? 23 VAL A HA   1 
ATOM   400 H  HB   . VAL A 1 23 ? 3.698   0.104   -3.849  1.00 0.40  ? 23 VAL A HB   1 
ATOM   401 H  HG11 . VAL A 1 23 ? 1.628   0.888   -5.861  1.00 1.09  ? 23 VAL A HG11 1 
ATOM   402 H  HG12 . VAL A 1 23 ? 1.300   1.136   -4.145  1.00 1.11  ? 23 VAL A HG12 1 
ATOM   403 H  HG13 . VAL A 1 23 ? 1.647   -0.483  -4.750  1.00 1.01  ? 23 VAL A HG13 1 
ATOM   404 H  HG21 . VAL A 1 23 ? 3.770   -0.336  -6.390  1.00 1.13  ? 23 VAL A HG21 1 
ATOM   405 H  HG22 . VAL A 1 23 ? 5.196   0.410   -5.671  1.00 1.12  ? 23 VAL A HG22 1 
ATOM   406 H  HG23 . VAL A 1 23 ? 4.035   1.399   -6.557  1.00 1.14  ? 23 VAL A HG23 1 
ATOM   407 N  N    . TYR A 1 24 ? 1.941   2.811   -2.458  1.00 0.26  ? 24 TYR A N    1 
ATOM   408 C  CA   . TYR A 1 24 ? 1.405   2.940   -1.067  1.00 0.33  ? 24 TYR A CA   1 
ATOM   409 C  C    . TYR A 1 24 ? 0.041   2.279   -0.964  1.00 0.28  ? 24 TYR A C    1 
ATOM   410 O  O    . TYR A 1 24 ? -0.645  2.092   -1.944  1.00 0.31  ? 24 TYR A O    1 
ATOM   411 C  CB   . TYR A 1 24 ? 1.255   4.438   -0.775  1.00 0.48  ? 24 TYR A CB   1 
ATOM   412 C  CG   . TYR A 1 24 ? 2.481   5.201   -1.201  1.00 0.47  ? 24 TYR A CG   1 
ATOM   413 C  CD1  . TYR A 1 24 ? 3.758   4.698   -0.938  1.00 1.30  ? 24 TYR A CD1  1 
ATOM   414 C  CD2  . TYR A 1 24 ? 2.329   6.422   -1.858  1.00 1.34  ? 24 TYR A CD2  1 
ATOM   415 C  CE1  . TYR A 1 24 ? 4.889   5.417   -1.336  1.00 1.42  ? 24 TYR A CE1  1 
ATOM   416 C  CE2  . TYR A 1 24 ? 3.459   7.146   -2.259  1.00 1.47  ? 24 TYR A CE2  1 
ATOM   417 C  CZ   . TYR A 1 24 ? 4.741   6.642   -1.998  1.00 0.96  ? 24 TYR A CZ   1 
ATOM   418 O  OH   . TYR A 1 24 ? 5.854   7.353   -2.392  1.00 1.27  ? 24 TYR A OH   1 
ATOM   419 H  H    . TYR A 1 24 ? 1.391   3.066   -3.224  1.00 0.28  ? 24 TYR A H    1 
ATOM   420 H  HA   . TYR A 1 24 ? 2.080   2.500   -0.362  1.00 0.39  ? 24 TYR A HA   1 
ATOM   421 H  HB2  . TYR A 1 24 ? 0.399   4.819   -1.307  1.00 0.65  ? 24 TYR A HB2  1 
ATOM   422 H  HB3  . TYR A 1 24 ? 1.104   4.577   0.284   1.00 0.71  ? 24 TYR A HB3  1 
ATOM   423 H  HD1  . TYR A 1 24 ? 3.869   3.757   -0.426  1.00 2.16  ? 24 TYR A HD1  1 
ATOM   424 H  HD2  . TYR A 1 24 ? 1.335   6.808   -2.053  1.00 2.19  ? 24 TYR A HD2  1 
ATOM   425 H  HE1  . TYR A 1 24 ? 5.876   5.024   -1.134  1.00 2.28  ? 24 TYR A HE1  1 
ATOM   426 H  HE2  . TYR A 1 24 ? 3.343   8.090   -2.766  1.00 2.34  ? 24 TYR A HE2  1 
ATOM   427 H  HH   . TYR A 1 24 ? 6.025   8.028   -1.731  1.00 1.52  ? 24 TYR A HH   1 
ATOM   428 N  N    . VAL A 1 25 ? -0.365  1.958   0.226   1.00 0.32  ? 25 VAL A N    1 
ATOM   429 C  CA   . VAL A 1 25 ? -1.701  1.346   0.429   1.00 0.30  ? 25 VAL A CA   1 
ATOM   430 C  C    . VAL A 1 25 ? -2.424  2.145   1.495   1.00 0.29  ? 25 VAL A C    1 
ATOM   431 O  O    . VAL A 1 25 ? -2.265  1.912   2.678   1.00 0.39  ? 25 VAL A O    1 
ATOM   432 C  CB   . VAL A 1 25 ? -1.436  -0.083  0.896   1.00 0.31  ? 25 VAL A CB   1 
ATOM   433 C  CG1  . VAL A 1 25 ? -2.735  -0.700  1.434   1.00 0.33  ? 25 VAL A CG1  1 
ATOM   434 C  CG2  . VAL A 1 25 ? -0.928  -0.902  -0.289  1.00 0.33  ? 25 VAL A CG2  1 
ATOM   435 H  H    . VAL A 1 25 ? 0.206   2.146   1.000   1.00 0.42  ? 25 VAL A H    1 
ATOM   436 H  HA   . VAL A 1 25 ? -2.264  1.341   -0.492  1.00 0.31  ? 25 VAL A HA   1 
ATOM   437 H  HB   . VAL A 1 25 ? -0.691  -0.074  1.678   1.00 0.33  ? 25 VAL A HB   1 
ATOM   438 H  HG11 . VAL A 1 25 ? -2.497  -1.470  2.153   1.00 1.10  ? 25 VAL A HG11 1 
ATOM   439 H  HG12 . VAL A 1 25 ? -3.294  -1.129  0.617   1.00 1.00  ? 25 VAL A HG12 1 
ATOM   440 H  HG13 . VAL A 1 25 ? -3.329  0.069   1.914   1.00 1.11  ? 25 VAL A HG13 1 
ATOM   441 H  HG21 . VAL A 1 25 ? -1.087  -1.952  -0.097  1.00 1.07  ? 25 VAL A HG21 1 
ATOM   442 H  HG22 . VAL A 1 25 ? 0.129   -0.713  -0.427  1.00 1.03  ? 25 VAL A HG22 1 
ATOM   443 H  HG23 . VAL A 1 25 ? -1.462  -0.615  -1.182  1.00 1.01  ? 25 VAL A HG23 1 
ATOM   444 N  N    . ILE A 1 26 ? -3.200  3.102   1.088   1.00 0.31  ? 26 ILE A N    1 
ATOM   445 C  CA   . ILE A 1 26 ? -3.917  3.933   2.081   1.00 0.31  ? 26 ILE A CA   1 
ATOM   446 C  C    . ILE A 1 26 ? -5.367  3.459   2.196   1.00 0.29  ? 26 ILE A C    1 
ATOM   447 O  O    . ILE A 1 26 ? -5.995  3.109   1.215   1.00 0.38  ? 26 ILE A O    1 
ATOM   448 C  CB   . ILE A 1 26 ? -3.812  5.370   1.540   1.00 0.36  ? 26 ILE A CB   1 
ATOM   449 C  CG1  . ILE A 1 26 ? -4.784  5.557   0.365   1.00 0.43  ? 26 ILE A CG1  1 
ATOM   450 C  CG2  . ILE A 1 26 ? -2.371  5.643   1.061   1.00 0.55  ? 26 ILE A CG2  1 
ATOM   451 C  CD1  . ILE A 1 26 ? -4.658  6.978   -0.191  1.00 0.76  ? 26 ILE A CD1  1 
ATOM   452 H  H    . ILE A 1 26 ? -3.300  3.282   0.129   1.00 0.39  ? 26 ILE A H    1 
ATOM   453 H  HA   . ILE A 1 26 ? -3.427  3.859   3.037   1.00 0.34  ? 26 ILE A HA   1 
ATOM   454 H  HB   . ILE A 1 26 ? -4.062  6.064   2.328   1.00 0.41  ? 26 ILE A HB   1 
ATOM   455 H  HG12 . ILE A 1 26 ? -4.550  4.844   -0.412  1.00 0.90  ? 26 ILE A HG12 1 
ATOM   456 H  HG13 . ILE A 1 26 ? -5.795  5.399   0.705   1.00 0.74  ? 26 ILE A HG13 1 
ATOM   457 H  HG21 . ILE A 1 26 ? -1.671  5.154   1.723   1.00 1.12  ? 26 ILE A HG21 1 
ATOM   458 H  HG22 . ILE A 1 26 ? -2.183  6.706   1.064   1.00 1.16  ? 26 ILE A HG22 1 
ATOM   459 H  HG23 . ILE A 1 26 ? -2.241  5.260   0.057   1.00 1.20  ? 26 ILE A HG23 1 
ATOM   460 H  HD11 . ILE A 1 26 ? -3.675  7.114   -0.618  1.00 1.35  ? 26 ILE A HD11 1 
ATOM   461 H  HD12 . ILE A 1 26 ? -4.804  7.692   0.607   1.00 1.40  ? 26 ILE A HD12 1 
ATOM   462 H  HD13 . ILE A 1 26 ? -5.406  7.133   -0.954  1.00 1.35  ? 26 ILE A HD13 1 
ATOM   463 N  N    . CYS A 1 27 ? -5.896  3.419   3.391   1.00 0.29  ? 27 CYS A N    1 
ATOM   464 C  CA   . CYS A 1 27 ? -7.298  2.941   3.572   1.00 0.32  ? 27 CYS A CA   1 
ATOM   465 C  C    . CYS A 1 27 ? -7.944  3.584   4.797   1.00 0.27  ? 27 CYS A C    1 
ATOM   466 O  O    . CYS A 1 27 ? -7.269  4.005   5.716   1.00 0.30  ? 27 CYS A O    1 
ATOM   467 C  CB   . CYS A 1 27 ? -7.176  1.437   3.825   1.00 0.51  ? 27 CYS A CB   1 
ATOM   468 S  SG   . CYS A 1 27 ? -8.828  0.765   4.141   1.00 0.55  ? 27 CYS A SG   1 
ATOM   469 H  H    . CYS A 1 27 ? -5.365  3.688   4.171   1.00 0.37  ? 27 CYS A H    1 
ATOM   470 H  HA   . CYS A 1 27 ? -7.886  3.122   2.689   1.00 0.40  ? 27 CYS A HA   1 
ATOM   471 H  HB2  . CYS A 1 27 ? -6.736  0.956   2.971   1.00 1.00  ? 27 CYS A HB2  1 
ATOM   472 H  HB3  . CYS A 1 27 ? -6.553  1.276   4.689   1.00 0.97  ? 27 CYS A HB3  1 
ATOM   473 N  N    . GLU A 1 28 ? -9.252  3.606   4.837   1.00 0.31  ? 28 GLU A N    1 
ATOM   474 C  CA   . GLU A 1 28 ? -9.951  4.159   6.031   1.00 0.40  ? 28 GLU A CA   1 
ATOM   475 C  C    . GLU A 1 28 ? -9.497  3.340   7.240   1.00 0.42  ? 28 GLU A C    1 
ATOM   476 O  O    . GLU A 1 28 ? -9.235  3.859   8.307   1.00 0.51  ? 28 GLU A O    1 
ATOM   477 C  CB   . GLU A 1 28 ? -11.442 3.953   5.738   1.00 0.46  ? 28 GLU A CB   1 
ATOM   478 C  CG   . GLU A 1 28 ? -12.271 4.099   7.021   1.00 0.58  ? 28 GLU A CG   1 
ATOM   479 C  CD   . GLU A 1 28 ? -13.554 3.272   6.896   1.00 1.25  ? 28 GLU A CD   1 
ATOM   480 O  OE1  . GLU A 1 28 ? -13.447 2.066   6.735   1.00 1.89  ? 28 GLU A OE1  1 
ATOM   481 O  OE2  . GLU A 1 28 ? -14.623 3.856   6.960   1.00 1.97  ? 28 GLU A OE2  1 
ATOM   482 H  H    . GLU A 1 28 ? -9.771  3.222   4.101   1.00 0.33  ? 28 GLU A H    1 
ATOM   483 H  HA   . GLU A 1 28 ? -9.725  5.206   6.162   1.00 0.47  ? 28 GLU A HA   1 
ATOM   484 H  HB2  . GLU A 1 28 ? -11.769 4.688   5.017   1.00 0.48  ? 28 GLU A HB2  1 
ATOM   485 H  HB3  . GLU A 1 28 ? -11.591 2.965   5.328   1.00 0.43  ? 28 GLU A HB3  1 
ATOM   486 H  HG2  . GLU A 1 28 ? -11.699 3.747   7.867   1.00 0.89  ? 28 GLU A HG2  1 
ATOM   487 H  HG3  . GLU A 1 28 ? -12.528 5.137   7.168   1.00 0.96  ? 28 GLU A HG3  1 
ATOM   488 N  N    . ASN A 1 29 ? -9.372  2.052   7.047   1.00 0.38  ? 29 ASN A N    1 
ATOM   489 C  CA   . ASN A 1 29 ? -8.900  1.156   8.133   1.00 0.46  ? 29 ASN A CA   1 
ATOM   490 C  C    . ASN A 1 29 ? -7.392  1.356   8.324   1.00 0.31  ? 29 ASN A C    1 
ATOM   491 O  O    . ASN A 1 29 ? -6.636  1.236   7.378   1.00 0.23  ? 29 ASN A O    1 
ATOM   492 C  CB   . ASN A 1 29 ? -9.190  -0.250  7.603   1.00 0.58  ? 29 ASN A CB   1 
ATOM   493 C  CG   . ASN A 1 29 ? -9.295  -1.239  8.759   1.00 0.53  ? 29 ASN A CG   1 
ATOM   494 O  OD1  . ASN A 1 29 ? -8.562  -1.152  9.724   1.00 0.68  ? 29 ASN A OD1  1 
ATOM   495 N  ND2  . ASN A 1 29 ? -10.184 -2.187  8.696   1.00 0.75  ? 29 ASN A ND2  1 
ATOM   496 H  H    . ASN A 1 29 ? -9.569  1.673   6.167   1.00 0.35  ? 29 ASN A H    1 
ATOM   497 H  HA   . ASN A 1 29 ? -9.442  1.335   9.047   1.00 0.61  ? 29 ASN A HA   1 
ATOM   498 H  HB2  . ASN A 1 29 ? -10.122 -0.241  7.055   1.00 0.90  ? 29 ASN A HB2  1 
ATOM   499 H  HB3  . ASN A 1 29 ? -8.391  -0.555  6.944   1.00 0.74  ? 29 ASN A HB3  1 
ATOM   500 H  HD21 . ASN A 1 29 ? -10.773 -2.257  7.916   1.00 0.82  ? 29 ASN A HD21 1 
ATOM   501 H  HD22 . ASN A 1 29 ? -10.263 -2.830  9.424   1.00 1.00  ? 29 ASN A HD22 1 
ATOM   502 N  N    . PRO A 1 30 ? -6.996  1.663   9.532   1.00 0.41  ? 30 PRO A N    1 
ATOM   503 C  CA   . PRO A 1 30 ? -5.556  1.892   9.817   1.00 0.39  ? 30 PRO A CA   1 
ATOM   504 C  C    . PRO A 1 30 ? -4.761  0.593   9.664   1.00 0.32  ? 30 PRO A C    1 
ATOM   505 O  O    . PRO A 1 30 ? -3.579  0.609   9.399   1.00 0.32  ? 30 PRO A O    1 
ATOM   506 C  CB   . PRO A 1 30 ? -5.550  2.387   11.264  1.00 0.58  ? 30 PRO A CB   1 
ATOM   507 C  CG   . PRO A 1 30 ? -6.813  1.852   11.854  1.00 0.67  ? 30 PRO A CG   1 
ATOM   508 C  CD   . PRO A 1 30 ? -7.824  1.819   10.736  1.00 0.62  ? 30 PRO A CD   1 
ATOM   509 H  HA   . PRO A 1 30 ? -5.159  2.657   9.167   1.00 0.41  ? 30 PRO A HA   1 
ATOM   510 H  HB2  . PRO A 1 30 ? -4.689  1.997   11.790  1.00 0.58  ? 30 PRO A HB2  1 
ATOM   511 H  HB3  . PRO A 1 30 ? -5.555  3.465   11.293  1.00 0.69  ? 30 PRO A HB3  1 
ATOM   512 H  HG2  . PRO A 1 30 ? -6.649  0.855   12.240  1.00 0.66  ? 30 PRO A HG2  1 
ATOM   513 H  HG3  . PRO A 1 30 ? -7.162  2.504   12.641  1.00 0.82  ? 30 PRO A HG3  1 
ATOM   514 H  HD2  . PRO A 1 30 ? -8.492  0.977   10.856  1.00 0.69  ? 30 PRO A HD2  1 
ATOM   515 H  HD3  . PRO A 1 30 ? -8.377  2.744   10.693  1.00 0.72  ? 30 PRO A HD3  1 
ATOM   516 N  N    . LYS A 1 31 ? -5.396  -0.533  9.823   1.00 0.36  ? 31 LYS A N    1 
ATOM   517 C  CA   . LYS A 1 31 ? -4.661  -1.823  9.681   1.00 0.42  ? 31 LYS A CA   1 
ATOM   518 C  C    . LYS A 1 31 ? -4.225  -2.044  8.227   1.00 0.34  ? 31 LYS A C    1 
ATOM   519 O  O    . LYS A 1 31 ? -3.414  -2.903  7.945   1.00 0.40  ? 31 LYS A O    1 
ATOM   520 C  CB   . LYS A 1 31 ? -5.660  -2.904  10.109  1.00 0.54  ? 31 LYS A CB   1 
ATOM   521 C  CG   . LYS A 1 31 ? -5.535  -3.159  11.616  1.00 0.76  ? 31 LYS A CG   1 
ATOM   522 C  CD   . LYS A 1 31 ? -6.033  -1.936  12.393  1.00 1.19  ? 31 LYS A CD   1 
ATOM   523 C  CE   . LYS A 1 31 ? -6.283  -2.321  13.856  1.00 1.45  ? 31 LYS A CE   1 
ATOM   524 N  NZ   . LYS A 1 31 ? -4.934  -2.629  14.411  1.00 2.20  ? 31 LYS A NZ   1 
ATOM   525 H  H    . LYS A 1 31 ? -6.355  -0.531  10.033  1.00 0.42  ? 31 LYS A H    1 
ATOM   526 H  HA   . LYS A 1 31 ? -3.803  -1.838  10.335  1.00 0.48  ? 31 LYS A HA   1 
ATOM   527 H  HB2  . LYS A 1 31 ? -6.664  -2.580  9.880   1.00 0.57  ? 31 LYS A HB2  1 
ATOM   528 H  HB3  . LYS A 1 31 ? -5.448  -3.819  9.575   1.00 0.62  ? 31 LYS A HB3  1 
ATOM   529 H  HG2  . LYS A 1 31 ? -6.128  -4.023  11.882  1.00 1.45  ? 31 LYS A HG2  1 
ATOM   530 H  HG3  . LYS A 1 31 ? -4.501  -3.344  11.865  1.00 1.46  ? 31 LYS A HG3  1 
ATOM   531 H  HD2  . LYS A 1 31 ? -5.290  -1.154  12.347  1.00 1.85  ? 31 LYS A HD2  1 
ATOM   532 H  HD3  . LYS A 1 31 ? -6.956  -1.583  11.955  1.00 1.82  ? 31 LYS A HD3  1 
ATOM   533 H  HE2  . LYS A 1 31 ? -6.731  -1.493  14.389  1.00 2.01  ? 31 LYS A HE2  1 
ATOM   534 H  HE3  . LYS A 1 31 ? -6.915  -3.193  13.914  1.00 1.64  ? 31 LYS A HE3  1 
ATOM   535 H  HZ1  . LYS A 1 31 ? -4.948  -2.505  15.443  1.00 2.59  ? 31 LYS A HZ1  1 
ATOM   536 H  HZ2  . LYS A 1 31 ? -4.231  -1.986  13.993  1.00 2.64  ? 31 LYS A HZ2  1 
ATOM   537 H  HZ3  . LYS A 1 31 ? -4.683  -3.613  14.186  1.00 2.68  ? 31 LYS A HZ3  1 
ATOM   538 N  N    . HIS A 1 32 ? -4.765  -1.291  7.298   1.00 0.28  ? 32 HIS A N    1 
ATOM   539 C  CA   . HIS A 1 32 ? -4.379  -1.489  5.864   1.00 0.29  ? 32 HIS A CA   1 
ATOM   540 C  C    . HIS A 1 32 ? -3.429  -0.380  5.389   1.00 0.29  ? 32 HIS A C    1 
ATOM   541 O  O    . HIS A 1 32 ? -3.199  -0.233  4.207   1.00 0.34  ? 32 HIS A O    1 
ATOM   542 C  CB   . HIS A 1 32 ? -5.697  -1.452  5.069   1.00 0.30  ? 32 HIS A CB   1 
ATOM   543 C  CG   . HIS A 1 32 ? -6.684  -2.421  5.667   1.00 0.28  ? 32 HIS A CG   1 
ATOM   544 N  ND1  . HIS A 1 32 ? -8.013  -2.510  5.257   1.00 0.31  ? 32 HIS A ND1  1 
ATOM   545 C  CD2  . HIS A 1 32 ? -6.554  -3.328  6.689   1.00 0.33  ? 32 HIS A CD2  1 
ATOM   546 C  CE1  . HIS A 1 32 ? -8.615  -3.432  6.032   1.00 0.38  ? 32 HIS A CE1  1 
ATOM   547 N  NE2  . HIS A 1 32 ? -7.771  -3.957  6.921   1.00 0.40  ? 32 HIS A NE2  1 
ATOM   548 H  H    . HIS A 1 32 ? -5.427  -0.609  7.539   1.00 0.30  ? 32 HIS A H    1 
ATOM   549 H  HA   . HIS A 1 32 ? -3.909  -2.452  5.738   1.00 0.34  ? 32 HIS A HA   1 
ATOM   550 H  HB2  . HIS A 1 32 ? -6.108  -0.458  5.106   1.00 0.33  ? 32 HIS A HB2  1 
ATOM   551 H  HB3  . HIS A 1 32 ? -5.505  -1.724  4.041   1.00 0.40  ? 32 HIS A HB3  1 
ATOM   552 H  HD2  . HIS A 1 32 ? -5.636  -3.543  7.209   1.00 0.37  ? 32 HIS A HD2  1 
ATOM   553 H  HE1  . HIS A 1 32 ? -9.658  -3.697  5.962   1.00 0.47  ? 32 HIS A HE1  1 
ATOM   554 H  HE2  . HIS A 1 32 ? -7.966  -4.642  7.595   1.00 0.48  ? 32 HIS A HE2  1 
ATOM   555 N  N    . LYS A 1 33 ? -2.864  0.396   6.285   1.00 0.30  ? 33 LYS A N    1 
ATOM   556 C  CA   . LYS A 1 33 ? -1.926  1.472   5.836   1.00 0.33  ? 33 LYS A CA   1 
ATOM   557 C  C    . LYS A 1 33 ? -0.536  0.877   5.562   1.00 0.36  ? 33 LYS A C    1 
ATOM   558 O  O    . LYS A 1 33 ? 0.330   0.877   6.411   1.00 0.58  ? 33 LYS A O    1 
ATOM   559 C  CB   . LYS A 1 33 ? -1.885  2.503   6.976   1.00 0.39  ? 33 LYS A CB   1 
ATOM   560 C  CG   . LYS A 1 33 ? -1.470  1.837   8.296   1.00 0.49  ? 33 LYS A CG   1 
ATOM   561 C  CD   . LYS A 1 33 ? -0.025  2.208   8.638   1.00 1.08  ? 33 LYS A CD   1 
ATOM   562 C  CE   . LYS A 1 33 ? -0.005  3.169   9.829   1.00 1.33  ? 33 LYS A CE   1 
ATOM   563 N  NZ   . LYS A 1 33 ? 1.427   3.550   9.994   1.00 2.01  ? 33 LYS A NZ   1 
ATOM   564 H  H    . LYS A 1 33 ? -3.044  0.268   7.243   1.00 0.33  ? 33 LYS A H    1 
ATOM   565 H  HA   . LYS A 1 33 ? -2.307  1.939   4.941   1.00 0.33  ? 33 LYS A HA   1 
ATOM   566 H  HB2  . LYS A 1 33 ? -1.178  3.280   6.728   1.00 0.52  ? 33 LYS A HB2  1 
ATOM   567 H  HB3  . LYS A 1 33 ? -2.866  2.941   7.094   1.00 0.46  ? 33 LYS A HB3  1 
ATOM   568 H  HG2  . LYS A 1 33 ? -2.122  2.178   9.086   1.00 1.10  ? 33 LYS A HG2  1 
ATOM   569 H  HG3  . LYS A 1 33 ? -1.549  0.765   8.201   1.00 1.19  ? 33 LYS A HG3  1 
ATOM   570 H  HD2  . LYS A 1 33 ? 0.521   1.311   8.888   1.00 1.75  ? 33 LYS A HD2  1 
ATOM   571 H  HD3  . LYS A 1 33 ? 0.436   2.684   7.786   1.00 1.82  ? 33 LYS A HD3  1 
ATOM   572 H  HE2  . LYS A 1 33 ? -0.607  4.042   9.617   1.00 1.87  ? 33 LYS A HE2  1 
ATOM   573 H  HE3  . LYS A 1 33 ? -0.360  2.674   10.720  1.00 1.78  ? 33 LYS A HE3  1 
ATOM   574 H  HZ1  . LYS A 1 33 ? 1.980   3.178   9.197   1.00 2.48  ? 33 LYS A HZ1  1 
ATOM   575 H  HZ2  . LYS A 1 33 ? 1.791   3.153   10.885  1.00 2.43  ? 33 LYS A HZ2  1 
ATOM   576 H  HZ3  . LYS A 1 33 ? 1.510   4.586   10.017  1.00 2.46  ? 33 LYS A HZ3  1 
ATOM   577 N  N    . GLN A 1 34 ? -0.317  0.367   4.378   1.00 0.39  ? 34 GLN A N    1 
ATOM   578 C  CA   . GLN A 1 34 ? 1.020   -0.225  4.055   1.00 0.43  ? 34 GLN A CA   1 
ATOM   579 C  C    . GLN A 1 34 ? 1.674   0.550   2.912   1.00 0.44  ? 34 GLN A C    1 
ATOM   580 O  O    . GLN A 1 34 ? 1.109   1.485   2.381   1.00 0.58  ? 34 GLN A O    1 
ATOM   581 C  CB   . GLN A 1 34 ? 0.754   -1.679  3.627   1.00 0.45  ? 34 GLN A CB   1 
ATOM   582 C  CG   . GLN A 1 34 ? -0.464  -2.237  4.366   1.00 0.51  ? 34 GLN A CG   1 
ATOM   583 C  CD   . GLN A 1 34 ? -0.454  -3.765  4.285   1.00 0.80  ? 34 GLN A CD   1 
ATOM   584 O  OE1  . GLN A 1 34 ? -0.443  -4.439  5.296   1.00 1.30  ? 34 GLN A OE1  1 
ATOM   585 N  NE2  . GLN A 1 34 ? -0.456  -4.344  3.117   1.00 1.23  ? 34 GLN A NE2  1 
ATOM   586 H  H    . GLN A 1 34 ? -1.027  0.375   3.701   1.00 0.54  ? 34 GLN A H    1 
ATOM   587 H  HA   . GLN A 1 34 ? 1.657   -0.213  4.927   1.00 0.47  ? 34 GLN A HA   1 
ATOM   588 H  HB2  . GLN A 1 34 ? 0.573   -1.715  2.561   1.00 0.49  ? 34 GLN A HB2  1 
ATOM   589 H  HB3  . GLN A 1 34 ? 1.618   -2.281  3.862   1.00 0.53  ? 34 GLN A HB3  1 
ATOM   590 H  HG2  . GLN A 1 34 ? -0.430  -1.930  5.401   1.00 0.92  ? 34 GLN A HG2  1 
ATOM   591 H  HG3  . GLN A 1 34 ? -1.365  -1.862  3.906   1.00 0.77  ? 34 GLN A HG3  1 
ATOM   592 H  HE21 . GLN A 1 34 ? -0.467  -3.801  2.301   1.00 1.42  ? 34 GLN A HE21 1 
ATOM   593 H  HE22 . GLN A 1 34 ? -0.450  -5.322  3.055   1.00 1.64  ? 34 GLN A HE22 1 
ATOM   594 N  N    . ARG A 1 35 ? 2.857   0.160   2.525   1.00 0.46  ? 35 ARG A N    1 
ATOM   595 C  CA   . ARG A 1 35 ? 3.551   0.857   1.406   1.00 0.51  ? 35 ARG A CA   1 
ATOM   596 C  C    . ARG A 1 35 ? 4.663   -0.038  0.847   1.00 0.50  ? 35 ARG A C    1 
ATOM   597 O  O    . ARG A 1 35 ? 5.549   -0.470  1.560   1.00 0.72  ? 35 ARG A O    1 
ATOM   598 C  CB   . ARG A 1 35 ? 4.110   2.158   2.007   1.00 0.61  ? 35 ARG A CB   1 
ATOM   599 C  CG   . ARG A 1 35 ? 5.244   1.857   2.994   1.00 1.40  ? 35 ARG A CG   1 
ATOM   600 C  CD   . ARG A 1 35 ? 6.593   1.969   2.272   1.00 1.80  ? 35 ARG A CD   1 
ATOM   601 N  NE   . ARG A 1 35 ? 7.302   3.101   2.940   1.00 1.99  ? 35 ARG A NE   1 
ATOM   602 C  CZ   . ARG A 1 35 ? 8.593   3.043   3.155   1.00 2.51  ? 35 ARG A CZ   1 
ATOM   603 N  NH1  . ARG A 1 35 ? 9.277   1.985   2.805   1.00 3.18  ? 35 ARG A NH1  1 
ATOM   604 N  NH2  . ARG A 1 35 ? 9.201   4.049   3.724   1.00 2.82  ? 35 ARG A NH2  1 
ATOM   605 H  H    . ARG A 1 35 ? 3.288   -0.602  2.966   1.00 0.55  ? 35 ARG A H    1 
ATOM   606 H  HA   . ARG A 1 35 ? 2.846   1.091   0.627   1.00 0.54  ? 35 ARG A HA   1 
ATOM   607 H  HB2  . ARG A 1 35 ? 4.485   2.785   1.214   1.00 1.06  ? 35 ARG A HB2  1 
ATOM   608 H  HB3  . ARG A 1 35 ? 3.319   2.679   2.526   1.00 1.15  ? 35 ARG A HB3  1 
ATOM   609 H  HG2  . ARG A 1 35 ? 5.208   2.567   3.808   1.00 1.89  ? 35 ARG A HG2  1 
ATOM   610 H  HG3  . ARG A 1 35 ? 5.129   0.857   3.386   1.00 2.08  ? 35 ARG A HG3  1 
ATOM   611 H  HD2  . ARG A 1 35 ? 7.148   1.052   2.387   1.00 2.34  ? 35 ARG A HD2  1 
ATOM   612 H  HD3  . ARG A 1 35 ? 6.442   2.193   1.226   1.00 2.00  ? 35 ARG A HD3  1 
ATOM   613 H  HE   . ARG A 1 35 ? 6.799   3.897   3.212   1.00 2.20  ? 35 ARG A HE   1 
ATOM   614 H  HH11 . ARG A 1 35 ? 8.817   1.210   2.370   1.00 3.21  ? 35 ARG A HH11 1 
ATOM   615 H  HH12 . ARG A 1 35 ? 10.262  1.948   2.971   1.00 3.88  ? 35 ARG A HH12 1 
ATOM   616 H  HH21 . ARG A 1 35 ? 8.681   4.860   3.994   1.00 2.83  ? 35 ARG A HH21 1 
ATOM   617 H  HH22 . ARG A 1 35 ? 10.186  4.010   3.890   1.00 3.35  ? 35 ARG A HH22 1 
ATOM   618 N  N    . GLN A 1 36 ? 4.606   -0.338  -0.423  1.00 0.39  ? 36 GLN A N    1 
ATOM   619 C  CA   . GLN A 1 36 ? 5.647   -1.220  -1.036  1.00 0.45  ? 36 GLN A CA   1 
ATOM   620 C  C    . GLN A 1 36 ? 7.035   -0.584  -0.900  1.00 0.72  ? 36 GLN A C    1 
ATOM   621 O  O    . GLN A 1 36 ? 7.189   0.619   -0.993  1.00 1.00  ? 36 GLN A O    1 
ATOM   622 C  CB   . GLN A 1 36 ? 5.255   -1.336  -2.509  1.00 0.73  ? 36 GLN A CB   1 
ATOM   623 C  CG   . GLN A 1 36 ? 5.945   -2.552  -3.134  1.00 0.96  ? 36 GLN A CG   1 
ATOM   624 C  CD   . GLN A 1 36 ? 6.064   -2.352  -4.646  1.00 1.46  ? 36 GLN A CD   1 
ATOM   625 O  OE1  . GLN A 1 36 ? 5.083   -2.430  -5.360  1.00 2.18  ? 36 GLN A OE1  1 
ATOM   626 N  NE2  . GLN A 1 36 ? 7.232   -2.096  -5.169  1.00 1.83  ? 36 GLN A NE2  1 
ATOM   627 H  H    . GLN A 1 36 ? 3.868   0.006   -0.972  1.00 0.43  ? 36 GLN A H    1 
ATOM   628 H  HA   . GLN A 1 36 ? 5.633   -2.194  -0.573  1.00 0.59  ? 36 GLN A HA   1 
ATOM   629 H  HB2  . GLN A 1 36 ? 4.183   -1.451  -2.588  1.00 0.91  ? 36 GLN A HB2  1 
ATOM   630 H  HB3  . GLN A 1 36 ? 5.560   -0.443  -3.033  1.00 0.93  ? 36 GLN A HB3  1 
ATOM   631 H  HG2  . GLN A 1 36 ? 6.932   -2.666  -2.707  1.00 1.09  ? 36 GLN A HG2  1 
ATOM   632 H  HG3  . GLN A 1 36 ? 5.363   -3.439  -2.935  1.00 1.19  ? 36 GLN A HG3  1 
ATOM   633 H  HE21 . GLN A 1 36 ? 8.023   -2.031  -4.594  1.00 2.10  ? 36 GLN A HE21 1 
ATOM   634 H  HE22 . GLN A 1 36 ? 7.317   -1.967  -6.136  1.00 2.25  ? 36 GLN A HE22 1 
ATOM   635 N  N    . GLY A 1 37 ? 8.044   -1.387  -0.686  1.00 1.00  ? 37 GLY A N    1 
ATOM   636 C  CA   . GLY A 1 37 ? 9.426   -0.839  -0.547  1.00 1.43  ? 37 GLY A CA   1 
ATOM   637 C  C    . GLY A 1 37 ? 9.644   -0.336  0.884   1.00 2.02  ? 37 GLY A C    1 
ATOM   638 O  O    . GLY A 1 37 ? 8.770   -0.544  1.709   1.00 2.58  ? 37 GLY A O    1 
ATOM   639 O  OXT  . GLY A 1 37 ? 10.684  0.252   1.132   1.00 2.62  ? 37 GLY A OXT  1 
ATOM   640 H  H    . GLY A 1 37 ? 7.893   -2.353  -0.617  1.00 1.08  ? 37 GLY A H    1 
ATOM   641 H  HA2  . GLY A 1 37 ? 10.143  -1.616  -0.769  1.00 1.90  ? 37 GLY A HA2  1 
ATOM   642 H  HA3  . GLY A 1 37 ? 9.561   -0.020  -1.236  1.00 1.65  ? 37 GLY A HA3  1 
HETATM 643 ZN ZN   . ZN  B 2 .  ? -8.927  -1.509  3.774   1.00 0.39  ? 38 ZN  A ZN   1 
# 
